data_6X0O
#
_entry.id   6X0O
#
_cell.length_a   1.00
_cell.length_b   1.00
_cell.length_c   1.00
_cell.angle_alpha   90.00
_cell.angle_beta   90.00
_cell.angle_gamma   90.00
#
_symmetry.space_group_name_H-M   'P 1'
#
loop_
_entity.id
_entity.type
_entity.pdbx_description
1 polymer 'Integral membrane indolylacetylinositol arabinosyltransferase EmbB'
2 non-polymer 'CALCIUM ION'
3 non-polymer 1,2-DIPALMITOYL-PHOSPHATIDYL-GLYCEROLE
#
_entity_poly.entity_id   1
_entity_poly.type   'polypeptide(L)'
_entity_poly.pdbx_seq_one_letter_code
;MSGNMDEAVSGNMDEAVSAGKDVRIARWVATIAGLLGFVLSVSIPLLPVTQTTATLNWPQQGRLDNVTAPLISQAPLELT
ATVPCSVVRDLPPEGGLVFGTAPAEGRDAALNAMLVNVTETRVDVIVRNVVVASVNRDRVAGPDCQRIEITSNLDGTYAD
FVGLTQISGEDAGKLQRTGYPDPNLRPAIVGVFTDLTGPAPQGLSVSAEIDTRFTTHPTALKLAAMLLAIVSTVIALLAL
WRLDRLDGRRMHRLIPTRWRTVTAVDGVVVGGMAIWYVIGANSSDDGYILQMARTAEHAGYMANYFRWFGSPEDPFGWYY
NVLALMTKVSDASIWIRLPDLICALICWLLLSREVLPRLGPAVAGSRAAMWAAGLVLLGAWMPFNNGLRPEGQIATGALI
TYVLIERAVTSGRLTPAALAITTAAFTLGIQPTGLIAVAALLAGGRPILRIVMRRRRLVGTWPLIAPLLAAGTVILAVVF
ADQTIATVLEATRIRTAIGPSQEWWTENLRYYYLILPTTDGAISRRVAFVFTAMCLFPSLFMMLRRKHIAGVARGPAWRL
MGIIFATMFFLMFTPTKWIHHFGLFAAVGGAMAALATVLVSPTVLRSARNRMAFLSLVLFVLAFCFASTNGWWYVSNFGA
PFNNSVPKVGGVQISAIFFALSAIAALWAFWLHLTRRTESRVVDRLTAAPIPVAAGFMVVVMMASMAIGVVRQYPTYSNG
WANIRAFAGGCGLADDVLVEPDSNAGFLTPLPGAYGPLGPLGGEDPQGFSPDGVPDRIIAEAIRLNNPQPGTDYDWNRPI
KLDEPGINGSTVPLPYGLDPKRVPVAGTYSTEAQQESRLSSAWYELPARDETERAAHPLVVITAAGTITGESVANGLTTG
QTVDLEYATRGPDGTLVPAGRVTPYDVGPTPSWRNLRYPRSEIPDDAVAVRVVAEDLSLSQGDWIAVTPPRVPELQSVQE
YVGSDQPVLMDWAVGLAFPCQQPMLHANGVTEVPKFRISPDYYAKLQSTDTWQDGINGGLLGITDLLLRASVMSTYLSQD
WGQDWGSLRKFDTVVEATPAELDFGSQTHSGLYSPGPLRIRPAENLYFQGWSHPQFEK
;
_entity_poly.pdbx_strand_id   A
#
# COMPACT_ATOMS: atom_id res chain seq x y z
N LYS A 21 -23.61 -55.38 -2.20
CA LYS A 21 -23.21 -54.80 -0.92
C LYS A 21 -22.81 -53.35 -1.11
N ASP A 22 -22.75 -52.61 0.00
CA ASP A 22 -22.45 -51.18 -0.03
C ASP A 22 -20.99 -50.87 0.21
N VAL A 23 -20.23 -51.78 0.82
CA VAL A 23 -18.81 -51.54 1.05
C VAL A 23 -18.06 -51.55 -0.28
N ARG A 24 -18.33 -52.55 -1.12
CA ARG A 24 -17.70 -52.61 -2.43
C ARG A 24 -18.11 -51.42 -3.29
N ILE A 25 -19.40 -51.04 -3.24
CA ILE A 25 -19.88 -49.85 -3.93
C ILE A 25 -19.07 -48.63 -3.52
N ALA A 26 -18.93 -48.42 -2.20
CA ALA A 26 -18.24 -47.23 -1.72
C ALA A 26 -16.77 -47.26 -2.09
N ARG A 27 -16.16 -48.45 -2.12
CA ARG A 27 -14.77 -48.57 -2.55
C ARG A 27 -14.61 -48.13 -4.00
N TRP A 28 -15.45 -48.66 -4.89
CA TRP A 28 -15.42 -48.27 -6.29
C TRP A 28 -15.63 -46.77 -6.44
N VAL A 29 -16.61 -46.22 -5.72
CA VAL A 29 -16.94 -44.81 -5.85
C VAL A 29 -15.76 -43.95 -5.42
N ALA A 30 -15.16 -44.28 -4.28
CA ALA A 30 -14.00 -43.53 -3.80
C ALA A 30 -12.87 -43.56 -4.80
N THR A 31 -12.56 -44.74 -5.33
CA THR A 31 -11.45 -44.86 -6.28
C THR A 31 -11.71 -44.02 -7.52
N ILE A 32 -12.86 -44.24 -8.19
CA ILE A 32 -13.10 -43.54 -9.46
C ILE A 32 -13.19 -42.04 -9.24
N ALA A 33 -13.85 -41.62 -8.17
CA ALA A 33 -14.04 -40.19 -7.94
C ALA A 33 -12.73 -39.50 -7.62
N GLY A 34 -11.89 -40.11 -6.78
CA GLY A 34 -10.63 -39.49 -6.45
C GLY A 34 -9.69 -39.42 -7.64
N LEU A 35 -9.62 -40.51 -8.43
CA LEU A 35 -8.76 -40.48 -9.60
C LEU A 35 -9.24 -39.45 -10.62
N LEU A 36 -10.56 -39.36 -10.82
CA LEU A 36 -11.10 -38.37 -11.73
C LEU A 36 -10.80 -36.95 -11.25
N GLY A 37 -10.96 -36.71 -9.95
CA GLY A 37 -10.63 -35.40 -9.41
C GLY A 37 -9.17 -35.05 -9.62
N PHE A 38 -8.28 -35.99 -9.35
CA PHE A 38 -6.86 -35.75 -9.55
C PHE A 38 -6.55 -35.41 -11.01
N VAL A 39 -7.07 -36.21 -11.94
CA VAL A 39 -6.79 -36.04 -13.35
C VAL A 39 -7.32 -34.69 -13.83
N LEU A 40 -8.61 -34.44 -13.62
CA LEU A 40 -9.22 -33.22 -14.12
C LEU A 40 -8.62 -31.99 -13.48
N SER A 41 -8.29 -32.06 -12.19
CA SER A 41 -7.71 -30.91 -11.51
C SER A 41 -6.30 -30.62 -12.01
N VAL A 42 -5.52 -31.65 -12.29
CA VAL A 42 -4.22 -31.43 -12.91
C VAL A 42 -4.39 -30.85 -14.31
N SER A 43 -5.50 -31.17 -14.98
CA SER A 43 -5.68 -30.75 -16.36
C SER A 43 -6.27 -29.35 -16.51
N ILE A 44 -6.88 -28.79 -15.45
CA ILE A 44 -7.45 -27.44 -15.55
C ILE A 44 -6.44 -26.40 -16.06
N PRO A 45 -5.20 -26.35 -15.57
CA PRO A 45 -4.26 -25.34 -16.09
C PRO A 45 -4.04 -25.39 -17.58
N LEU A 46 -3.95 -26.57 -18.17
CA LEU A 46 -3.55 -26.74 -19.55
C LEU A 46 -4.72 -26.67 -20.54
N LEU A 47 -5.92 -26.37 -20.07
CA LEU A 47 -7.10 -26.42 -20.90
C LEU A 47 -7.36 -25.07 -21.56
N PRO A 48 -8.12 -25.04 -22.66
CA PRO A 48 -8.22 -23.81 -23.43
C PRO A 48 -8.96 -22.70 -22.69
N VAL A 49 -8.93 -21.52 -23.31
CA VAL A 49 -9.43 -20.30 -22.70
C VAL A 49 -9.58 -19.27 -23.81
N THR A 50 -10.59 -18.41 -23.68
CA THR A 50 -10.93 -17.44 -24.71
C THR A 50 -10.44 -16.07 -24.28
N GLN A 51 -9.61 -15.46 -25.12
CA GLN A 51 -8.98 -14.17 -24.86
C GLN A 51 -9.57 -13.13 -25.79
N THR A 52 -9.80 -11.93 -25.26
CA THR A 52 -10.29 -10.82 -26.04
C THR A 52 -9.12 -9.97 -26.52
N THR A 53 -9.06 -9.74 -27.83
CA THR A 53 -7.94 -9.09 -28.47
C THR A 53 -8.35 -7.68 -28.86
N ALA A 54 -7.61 -6.71 -28.33
CA ALA A 54 -7.83 -5.30 -28.64
C ALA A 54 -6.72 -4.78 -29.54
N THR A 55 -7.09 -3.84 -30.41
CA THR A 55 -6.12 -3.16 -31.25
C THR A 55 -6.58 -1.72 -31.46
N LEU A 56 -5.62 -0.88 -31.83
CA LEU A 56 -5.78 0.57 -31.82
C LEU A 56 -5.28 1.14 -33.14
N ASN A 57 -6.17 1.85 -33.85
CA ASN A 57 -5.83 2.63 -35.03
C ASN A 57 -6.17 4.09 -34.76
N TRP A 58 -5.25 4.99 -35.12
CA TRP A 58 -5.32 6.37 -34.68
C TRP A 58 -6.26 7.23 -35.51
N PRO A 59 -6.22 7.19 -36.85
CA PRO A 59 -7.23 7.94 -37.60
C PRO A 59 -8.58 7.25 -37.47
N GLN A 60 -9.44 7.81 -36.62
CA GLN A 60 -10.67 7.14 -36.19
C GLN A 60 -11.90 7.69 -36.90
N GLN A 61 -12.15 8.99 -36.74
CA GLN A 61 -13.28 9.66 -37.39
C GLN A 61 -12.88 10.30 -38.70
N GLY A 62 -11.83 9.79 -39.35
CA GLY A 62 -11.36 10.36 -40.58
C GLY A 62 -10.72 11.73 -40.46
N ARG A 63 -10.34 12.13 -39.24
CA ARG A 63 -9.72 13.43 -39.00
C ARG A 63 -8.46 13.24 -38.16
N LEU A 64 -7.52 14.18 -38.33
CA LEU A 64 -6.24 14.14 -37.63
C LEU A 64 -6.40 14.88 -36.32
N ASP A 65 -6.81 14.16 -35.29
CA ASP A 65 -6.93 14.67 -33.94
C ASP A 65 -6.28 13.69 -32.98
N ASN A 66 -5.57 14.24 -32.01
CA ASN A 66 -4.85 13.43 -31.04
C ASN A 66 -5.79 12.50 -30.29
N VAL A 67 -5.22 11.49 -29.65
CA VAL A 67 -6.01 10.48 -28.96
C VAL A 67 -5.15 9.85 -27.87
N THR A 68 -5.77 9.61 -26.72
CA THR A 68 -5.11 9.02 -25.56
C THR A 68 -5.46 7.56 -25.44
N ALA A 69 -4.49 6.75 -25.01
CA ALA A 69 -4.69 5.33 -24.76
C ALA A 69 -3.58 4.83 -23.86
N PRO A 70 -3.61 5.16 -22.58
CA PRO A 70 -2.52 4.76 -21.68
C PRO A 70 -2.50 3.27 -21.38
N LEU A 71 -1.52 2.59 -21.96
CA LEU A 71 -1.37 1.16 -21.72
C LEU A 71 -0.69 0.94 -20.36
N ILE A 72 -1.28 0.04 -19.56
CA ILE A 72 -0.73 -0.23 -18.24
C ILE A 72 0.50 -1.12 -18.32
N SER A 73 0.64 -1.89 -19.39
CA SER A 73 1.81 -2.74 -19.58
C SER A 73 3.02 -1.98 -20.13
N GLN A 74 2.87 -0.70 -20.46
CA GLN A 74 3.96 0.17 -20.92
C GLN A 74 4.60 -0.31 -22.21
N ALA A 75 3.95 -1.20 -22.94
CA ALA A 75 4.42 -1.61 -24.25
C ALA A 75 3.35 -2.46 -24.94
N PRO A 76 3.25 -2.44 -26.26
CA PRO A 76 2.34 -3.34 -26.95
C PRO A 76 3.01 -4.65 -27.32
N LEU A 77 2.22 -5.55 -27.88
CA LEU A 77 2.75 -6.80 -28.42
C LEU A 77 3.37 -6.58 -29.79
N GLU A 78 2.85 -5.63 -30.55
CA GLU A 78 3.46 -5.24 -31.81
C GLU A 78 2.86 -3.91 -32.26
N LEU A 79 3.59 -3.25 -33.15
CA LEU A 79 3.18 -1.97 -33.72
C LEU A 79 3.56 -1.92 -35.17
N THR A 80 2.65 -1.42 -36.00
CA THR A 80 2.85 -1.22 -37.41
C THR A 80 2.45 0.20 -37.74
N ALA A 81 3.07 0.77 -38.77
CA ALA A 81 2.72 2.13 -39.17
C ALA A 81 3.10 2.36 -40.61
N THR A 82 2.30 3.19 -41.28
CA THR A 82 2.48 3.54 -42.67
C THR A 82 2.25 5.03 -42.81
N VAL A 83 3.23 5.72 -43.41
CA VAL A 83 3.21 7.17 -43.56
C VAL A 83 3.56 7.50 -45.00
N PRO A 84 2.69 8.16 -45.77
CA PRO A 84 3.08 8.54 -47.13
C PRO A 84 4.20 9.57 -47.15
N CYS A 85 4.64 9.89 -48.36
CA CYS A 85 5.68 10.89 -48.56
C CYS A 85 5.12 12.30 -48.69
N SER A 86 3.82 12.44 -48.95
CA SER A 86 3.26 13.76 -49.21
C SER A 86 3.09 14.57 -47.93
N VAL A 87 2.96 13.89 -46.78
CA VAL A 87 2.80 14.60 -45.52
C VAL A 87 4.01 15.48 -45.23
N VAL A 88 5.20 15.03 -45.65
CA VAL A 88 6.40 15.83 -45.47
C VAL A 88 6.33 17.11 -46.31
N ARG A 89 5.63 17.06 -47.44
CA ARG A 89 5.51 18.23 -48.30
C ARG A 89 4.47 19.22 -47.81
N ASP A 90 3.67 18.88 -46.79
CA ASP A 90 2.61 19.75 -46.31
C ASP A 90 3.02 20.57 -45.11
N LEU A 91 3.93 20.06 -44.28
CA LEU A 91 4.36 20.78 -43.10
C LEU A 91 5.13 22.03 -43.51
N PRO A 92 5.38 22.94 -42.57
CA PRO A 92 6.21 24.11 -42.88
C PRO A 92 7.67 23.72 -43.02
N PRO A 93 8.55 24.66 -43.33
CA PRO A 93 9.98 24.36 -43.33
C PRO A 93 10.48 23.80 -42.01
N GLU A 94 9.97 24.30 -40.90
CA GLU A 94 10.29 23.78 -39.57
C GLU A 94 9.15 22.86 -39.17
N GLY A 95 9.17 21.63 -39.67
CA GLY A 95 8.16 20.67 -39.36
C GLY A 95 8.34 20.07 -37.98
N GLY A 96 7.50 19.09 -37.70
CA GLY A 96 7.51 18.41 -36.41
C GLY A 96 6.97 17.02 -36.53
N LEU A 97 6.19 16.61 -35.53
CA LEU A 97 5.71 15.24 -35.42
C LEU A 97 4.78 14.92 -36.58
N VAL A 98 5.10 13.84 -37.30
CA VAL A 98 4.11 13.22 -38.17
C VAL A 98 3.22 12.30 -37.33
N PHE A 99 3.83 11.57 -36.41
CA PHE A 99 3.10 10.88 -35.36
C PHE A 99 4.08 10.46 -34.28
N GLY A 100 3.55 10.21 -33.09
CA GLY A 100 4.36 9.75 -31.99
C GLY A 100 3.49 9.11 -30.94
N THR A 101 4.07 8.17 -30.20
CA THR A 101 3.34 7.44 -29.17
C THR A 101 3.35 8.16 -27.83
N ALA A 102 3.69 9.44 -27.82
CA ALA A 102 3.71 10.27 -26.62
C ALA A 102 4.00 11.69 -27.05
N PRO A 103 3.62 12.70 -26.27
CA PRO A 103 3.83 14.07 -26.74
C PRO A 103 5.30 14.47 -26.67
N ALA A 104 5.71 15.30 -27.63
CA ALA A 104 7.11 15.64 -27.75
C ALA A 104 7.60 16.51 -26.61
N GLU A 105 6.71 17.26 -25.97
CA GLU A 105 7.06 18.10 -24.85
C GLU A 105 6.94 17.37 -23.52
N GLY A 106 6.72 16.07 -23.54
CA GLY A 106 6.59 15.31 -22.31
C GLY A 106 7.94 15.01 -21.68
N ARG A 107 7.86 14.41 -20.50
CA ARG A 107 9.05 14.10 -19.72
C ARG A 107 9.65 12.78 -20.18
N ASP A 108 10.85 12.84 -20.73
CA ASP A 108 11.55 11.65 -21.21
C ASP A 108 10.73 10.90 -22.24
N ALA A 109 10.17 11.64 -23.19
CA ALA A 109 9.41 11.02 -24.27
C ALA A 109 10.33 10.43 -25.32
N ALA A 110 11.48 11.04 -25.54
CA ALA A 110 12.48 10.50 -26.44
C ALA A 110 13.25 9.34 -25.86
N LEU A 111 13.09 9.07 -24.55
CA LEU A 111 13.69 7.92 -23.90
C LEU A 111 12.75 6.74 -23.77
N ASN A 112 11.44 6.99 -23.76
CA ASN A 112 10.45 5.96 -23.48
C ASN A 112 9.47 5.70 -24.61
N ALA A 113 9.64 6.31 -25.79
CA ALA A 113 8.62 6.29 -26.81
C ALA A 113 9.20 6.46 -28.20
N MET A 114 8.31 6.32 -29.18
CA MET A 114 8.64 6.52 -30.59
C MET A 114 8.32 7.95 -31.00
N LEU A 115 9.15 8.52 -31.88
CA LEU A 115 8.92 9.87 -32.37
C LEU A 115 9.45 9.99 -33.79
N VAL A 116 8.58 10.38 -34.72
CA VAL A 116 8.95 10.65 -36.10
C VAL A 116 8.94 12.17 -36.25
N ASN A 117 10.12 12.76 -36.33
CA ASN A 117 10.29 14.20 -36.40
C ASN A 117 10.97 14.63 -37.69
N VAL A 118 10.88 15.92 -37.98
CA VAL A 118 11.45 16.54 -39.16
C VAL A 118 12.20 17.79 -38.67
N THR A 119 13.53 17.73 -38.70
CA THR A 119 14.38 18.77 -38.13
C THR A 119 14.98 19.70 -39.19
N GLU A 120 14.20 20.01 -40.23
CA GLU A 120 14.53 21.01 -41.24
C GLU A 120 15.58 20.57 -42.25
N THR A 121 16.26 19.45 -42.00
CA THR A 121 17.11 18.82 -43.01
C THR A 121 17.04 17.31 -43.01
N ARG A 122 16.54 16.66 -41.95
CA ARG A 122 16.52 15.22 -41.82
C ARG A 122 15.18 14.76 -41.28
N VAL A 123 14.64 13.72 -41.89
CA VAL A 123 13.44 13.06 -41.40
C VAL A 123 13.87 11.91 -40.50
N ASP A 124 13.81 12.12 -39.20
CA ASP A 124 14.37 11.20 -38.22
C ASP A 124 13.27 10.40 -37.56
N VAL A 125 13.51 9.10 -37.40
CA VAL A 125 12.71 8.24 -36.54
C VAL A 125 13.57 7.90 -35.33
N ILE A 126 13.08 8.28 -34.16
CA ILE A 126 13.81 8.15 -32.90
C ILE A 126 12.96 7.26 -32.02
N VAL A 127 13.33 5.98 -31.98
CA VAL A 127 12.85 5.06 -30.96
C VAL A 127 13.77 5.34 -29.79
N ARG A 128 13.56 4.69 -28.64
CA ARG A 128 14.11 5.14 -27.36
C ARG A 128 15.60 5.42 -27.40
N ASN A 129 15.94 6.71 -27.40
CA ASN A 129 17.28 7.26 -27.58
C ASN A 129 18.09 6.45 -28.59
N VAL A 130 17.46 6.13 -29.72
CA VAL A 130 18.07 5.36 -30.79
C VAL A 130 17.54 5.92 -32.11
N VAL A 131 18.47 6.29 -33.00
CA VAL A 131 18.14 6.98 -34.25
C VAL A 131 18.10 5.96 -35.38
N VAL A 132 16.91 5.40 -35.60
CA VAL A 132 16.69 4.47 -36.70
C VAL A 132 16.19 5.27 -37.89
N ALA A 133 16.75 5.00 -39.07
CA ALA A 133 16.30 5.61 -40.32
C ALA A 133 16.36 7.13 -40.26
N SER A 134 17.58 7.64 -40.11
CA SER A 134 17.84 9.07 -40.22
C SER A 134 18.19 9.39 -41.67
N VAL A 135 17.34 10.16 -42.33
CA VAL A 135 17.36 10.30 -43.77
C VAL A 135 17.09 11.76 -44.15
N ASN A 136 17.74 12.20 -45.23
CA ASN A 136 17.57 13.55 -45.74
C ASN A 136 16.10 13.81 -46.09
N ARG A 137 15.73 15.09 -46.13
CA ARG A 137 14.35 15.49 -46.40
C ARG A 137 14.11 15.79 -47.87
N ASP A 138 15.13 16.29 -48.58
CA ASP A 138 14.94 16.64 -50.00
C ASP A 138 14.70 15.40 -50.85
N ARG A 139 15.02 14.21 -50.33
CA ARG A 139 14.77 12.98 -51.07
C ARG A 139 13.38 12.45 -50.80
N VAL A 140 12.92 12.52 -49.55
CA VAL A 140 11.62 12.00 -49.18
C VAL A 140 10.51 12.73 -49.93
N ALA A 141 10.66 14.05 -50.08
CA ALA A 141 9.70 14.83 -50.87
C ALA A 141 9.88 14.65 -52.36
N GLY A 142 10.88 13.90 -52.81
CA GLY A 142 11.12 13.69 -54.21
C GLY A 142 10.06 12.84 -54.86
N PRO A 143 10.26 12.48 -56.13
CA PRO A 143 9.29 11.65 -56.85
C PRO A 143 9.54 10.15 -56.75
N ASP A 144 10.70 9.74 -56.22
CA ASP A 144 11.02 8.32 -56.11
C ASP A 144 10.43 7.69 -54.85
N CYS A 145 10.52 8.36 -53.72
CA CYS A 145 9.97 7.83 -52.49
C CYS A 145 8.45 7.80 -52.56
N GLN A 146 7.86 6.74 -51.99
CA GLN A 146 6.42 6.54 -51.99
C GLN A 146 5.83 6.47 -50.59
N ARG A 147 6.44 5.70 -49.69
CA ARG A 147 5.87 5.44 -48.38
C ARG A 147 6.98 5.24 -47.35
N ILE A 148 6.56 5.15 -46.10
CA ILE A 148 7.42 4.84 -44.97
C ILE A 148 6.71 3.76 -44.17
N GLU A 149 7.28 2.57 -44.12
CA GLU A 149 6.75 1.45 -43.35
C GLU A 149 7.60 1.29 -42.10
N ILE A 150 6.97 1.34 -40.94
CA ILE A 150 7.64 1.19 -39.65
C ILE A 150 7.03 -0.02 -38.97
N THR A 151 7.87 -0.89 -38.41
CA THR A 151 7.38 -2.10 -37.76
C THR A 151 8.24 -2.41 -36.54
N SER A 152 7.58 -2.58 -35.40
CA SER A 152 8.23 -2.91 -34.14
C SER A 152 7.56 -4.16 -33.58
N ASN A 153 8.30 -5.26 -33.57
CA ASN A 153 7.83 -6.54 -33.07
C ASN A 153 9.00 -7.26 -32.44
N LEU A 154 8.75 -8.47 -31.94
CA LEU A 154 9.80 -9.26 -31.30
C LEU A 154 10.95 -9.56 -32.23
N ASP A 155 10.71 -9.61 -33.54
CA ASP A 155 11.77 -9.83 -34.51
C ASP A 155 12.68 -8.62 -34.68
N GLY A 156 12.32 -7.48 -34.11
CA GLY A 156 13.13 -6.27 -34.17
C GLY A 156 12.30 -5.03 -34.42
N THR A 157 13.01 -3.92 -34.53
CA THR A 157 12.43 -2.62 -34.86
C THR A 157 13.09 -2.13 -36.12
N TYR A 158 12.32 -2.05 -37.20
CA TYR A 158 12.83 -1.73 -38.53
C TYR A 158 11.96 -0.65 -39.18
N ALA A 159 12.57 0.02 -40.14
CA ALA A 159 11.92 1.06 -40.93
C ALA A 159 12.41 0.98 -42.37
N ASP A 160 11.46 0.96 -43.30
CA ASP A 160 11.72 0.93 -44.73
C ASP A 160 11.15 2.18 -45.38
N PHE A 161 11.93 2.80 -46.25
CA PHE A 161 11.48 3.93 -47.06
C PHE A 161 11.40 3.43 -48.49
N VAL A 162 10.18 3.08 -48.92
CA VAL A 162 9.99 2.46 -50.23
C VAL A 162 10.36 3.47 -51.31
N GLY A 163 10.85 2.95 -52.43
CA GLY A 163 11.23 3.78 -53.56
C GLY A 163 12.61 4.37 -53.49
N LEU A 164 13.32 4.20 -52.38
CA LEU A 164 14.63 4.81 -52.14
C LEU A 164 15.67 3.71 -51.96
N THR A 165 16.93 4.15 -51.78
CA THR A 165 18.05 3.25 -51.57
C THR A 165 19.12 4.02 -50.82
N GLN A 166 20.08 3.27 -50.27
CA GLN A 166 21.16 3.90 -49.52
C GLN A 166 22.23 4.43 -50.47
N ILE A 167 22.53 5.72 -50.34
CA ILE A 167 23.47 6.38 -51.22
C ILE A 167 24.91 6.38 -50.70
N SER A 168 25.10 6.31 -49.38
CA SER A 168 26.40 6.43 -48.75
C SER A 168 26.66 5.26 -47.82
N GLY A 169 27.88 4.74 -47.89
CA GLY A 169 28.36 3.73 -46.97
C GLY A 169 28.63 2.40 -47.65
N GLU A 170 28.81 1.38 -46.81
CA GLU A 170 29.02 0.02 -47.31
C GLU A 170 27.73 -0.59 -47.83
N ASP A 171 26.58 -0.11 -47.40
CA ASP A 171 25.28 -0.62 -47.81
C ASP A 171 24.77 0.02 -49.09
N ALA A 172 25.65 0.70 -49.84
CA ALA A 172 25.22 1.43 -51.03
C ALA A 172 24.69 0.48 -52.09
N GLY A 173 23.59 0.87 -52.72
CA GLY A 173 22.96 0.10 -53.77
C GLY A 173 21.83 -0.79 -53.31
N LYS A 174 21.81 -1.17 -52.03
CA LYS A 174 20.75 -1.98 -51.47
C LYS A 174 19.72 -1.09 -50.80
N LEU A 175 18.64 -1.70 -50.31
CA LEU A 175 17.46 -0.95 -49.93
C LEU A 175 17.72 -0.10 -48.68
N GLN A 176 16.81 0.84 -48.45
CA GLN A 176 16.88 1.78 -47.34
C GLN A 176 16.09 1.24 -46.17
N ARG A 177 16.42 0.00 -45.78
CA ARG A 177 15.90 -0.59 -44.55
C ARG A 177 16.92 -0.31 -43.47
N THR A 178 16.43 0.09 -42.29
CA THR A 178 17.31 0.45 -41.20
C THR A 178 16.64 0.13 -39.88
N GLY A 179 17.41 -0.41 -38.95
CA GLY A 179 16.92 -0.64 -37.62
C GLY A 179 17.79 -1.64 -36.88
N TYR A 180 17.23 -2.15 -35.80
CA TYR A 180 17.98 -2.98 -34.85
C TYR A 180 17.10 -4.14 -34.38
N PRO A 181 17.61 -5.38 -34.33
CA PRO A 181 16.87 -6.44 -33.63
C PRO A 181 17.06 -6.40 -32.13
N ASP A 182 16.05 -5.97 -31.42
CA ASP A 182 16.05 -5.96 -29.96
C ASP A 182 14.61 -5.97 -29.47
N PRO A 183 14.07 -7.08 -28.96
CA PRO A 183 12.67 -7.07 -28.51
C PRO A 183 12.41 -6.12 -27.35
N ASN A 184 13.45 -5.64 -26.68
CA ASN A 184 13.30 -4.69 -25.59
C ASN A 184 13.30 -3.24 -26.08
N LEU A 185 13.14 -3.03 -27.38
CA LEU A 185 13.11 -1.70 -27.99
C LEU A 185 11.71 -1.25 -28.34
N ARG A 186 10.68 -1.98 -27.91
CA ARG A 186 9.32 -1.61 -28.27
C ARG A 186 8.88 -0.39 -27.47
N PRO A 187 8.17 0.55 -28.07
CA PRO A 187 7.90 1.82 -27.40
C PRO A 187 6.79 1.71 -26.37
N ALA A 188 6.66 2.77 -25.57
CA ALA A 188 5.58 2.93 -24.63
C ALA A 188 4.51 3.83 -25.24
N ILE A 189 3.27 3.34 -25.25
CA ILE A 189 2.17 4.02 -25.89
C ILE A 189 1.28 4.62 -24.81
N VAL A 190 1.12 5.94 -24.84
CA VAL A 190 0.11 6.65 -24.07
C VAL A 190 -0.82 7.46 -24.99
N GLY A 191 -0.80 7.16 -26.28
CA GLY A 191 -1.65 7.83 -27.24
C GLY A 191 -1.00 7.78 -28.61
N VAL A 192 -1.57 8.57 -29.51
CA VAL A 192 -1.00 8.81 -30.83
C VAL A 192 -1.14 10.30 -31.10
N PHE A 193 -0.05 11.03 -31.00
CA PHE A 193 -0.04 12.49 -31.01
C PHE A 193 0.71 12.99 -32.23
N THR A 194 0.30 14.15 -32.74
CA THR A 194 0.93 14.72 -33.91
C THR A 194 0.79 16.24 -33.87
N ASP A 195 1.22 16.88 -34.95
CA ASP A 195 1.10 18.33 -35.13
C ASP A 195 0.29 18.70 -36.37
N LEU A 196 -0.18 17.72 -37.12
CA LEU A 196 -0.95 17.99 -38.33
C LEU A 196 -2.38 18.40 -37.98
N THR A 197 -3.05 19.00 -38.96
CA THR A 197 -4.43 19.43 -38.81
C THR A 197 -5.16 19.23 -40.13
N GLY A 198 -6.47 19.07 -40.04
CA GLY A 198 -7.32 19.01 -41.20
C GLY A 198 -7.75 17.60 -41.56
N PRO A 199 -8.16 17.40 -42.81
CA PRO A 199 -8.49 16.04 -43.25
C PRO A 199 -7.27 15.12 -43.25
N ALA A 200 -7.54 13.83 -43.20
CA ALA A 200 -6.47 12.84 -43.16
C ALA A 200 -6.03 12.47 -44.57
N PRO A 201 -4.73 12.32 -44.84
CA PRO A 201 -4.32 11.87 -46.18
C PRO A 201 -4.47 10.36 -46.33
N GLN A 202 -4.45 9.92 -47.58
CA GLN A 202 -4.69 8.52 -47.88
C GLN A 202 -3.44 7.70 -47.61
N GLY A 203 -3.51 6.84 -46.60
CA GLY A 203 -2.45 5.90 -46.27
C GLY A 203 -1.87 6.08 -44.89
N LEU A 204 -2.00 7.26 -44.30
CA LEU A 204 -1.46 7.51 -42.97
C LEU A 204 -2.23 6.67 -41.96
N SER A 205 -1.54 5.72 -41.34
CA SER A 205 -2.22 4.84 -40.39
C SER A 205 -1.25 4.06 -39.53
N VAL A 206 -1.51 4.03 -38.22
CA VAL A 206 -0.78 3.20 -37.29
C VAL A 206 -1.72 2.08 -36.83
N SER A 207 -1.13 1.08 -36.19
CA SER A 207 -1.89 -0.07 -35.72
C SER A 207 -1.10 -0.72 -34.60
N ALA A 208 -1.62 -0.60 -33.38
CA ALA A 208 -1.01 -1.19 -32.20
C ALA A 208 -1.83 -2.39 -31.75
N GLU A 209 -1.15 -3.47 -31.39
CA GLU A 209 -1.77 -4.71 -30.94
C GLU A 209 -1.48 -4.83 -29.45
N ILE A 210 -2.50 -4.58 -28.63
CA ILE A 210 -2.30 -4.46 -27.20
C ILE A 210 -2.17 -5.84 -26.57
N ASP A 211 -1.39 -5.92 -25.50
CA ASP A 211 -1.18 -7.17 -24.77
C ASP A 211 -2.34 -7.36 -23.80
N THR A 212 -3.12 -8.40 -24.04
CA THR A 212 -4.30 -8.72 -23.25
C THR A 212 -4.32 -10.20 -22.88
N ARG A 213 -3.14 -10.75 -22.58
CA ARG A 213 -3.03 -12.16 -22.25
C ARG A 213 -3.61 -12.49 -20.88
N PHE A 214 -3.88 -11.49 -20.05
CA PHE A 214 -4.38 -11.72 -18.71
C PHE A 214 -5.91 -11.67 -18.62
N THR A 215 -6.55 -10.84 -19.43
CA THR A 215 -8.00 -10.70 -19.42
C THR A 215 -8.57 -11.77 -20.35
N THR A 216 -9.28 -12.72 -19.76
CA THR A 216 -9.75 -13.91 -20.45
C THR A 216 -11.05 -14.37 -19.81
N HIS A 217 -11.67 -15.37 -20.42
CA HIS A 217 -12.74 -16.09 -19.75
C HIS A 217 -12.75 -17.53 -20.27
N PRO A 218 -13.20 -18.48 -19.45
CA PRO A 218 -12.96 -19.88 -19.79
C PRO A 218 -13.89 -20.38 -20.87
N THR A 219 -13.45 -21.42 -21.55
CA THR A 219 -14.31 -22.15 -22.46
C THR A 219 -15.31 -22.98 -21.66
N ALA A 220 -16.24 -23.61 -22.37
CA ALA A 220 -17.19 -24.51 -21.71
C ALA A 220 -16.48 -25.72 -21.14
N LEU A 221 -15.46 -26.23 -21.86
CA LEU A 221 -14.75 -27.43 -21.44
C LEU A 221 -14.06 -27.22 -20.09
N LYS A 222 -13.33 -26.11 -19.96
CA LYS A 222 -12.60 -25.81 -18.74
C LYS A 222 -13.54 -25.66 -17.55
N LEU A 223 -14.62 -24.90 -17.75
CA LEU A 223 -15.62 -24.69 -16.69
C LEU A 223 -16.23 -26.01 -16.26
N ALA A 224 -16.64 -26.83 -17.22
CA ALA A 224 -17.24 -28.12 -16.91
C ALA A 224 -16.27 -29.02 -16.17
N ALA A 225 -15.00 -29.01 -16.58
CA ALA A 225 -14.00 -29.82 -15.90
C ALA A 225 -13.82 -29.38 -14.46
N MET A 226 -13.80 -28.07 -14.22
CA MET A 226 -13.65 -27.57 -12.85
C MET A 226 -14.82 -28.00 -11.99
N LEU A 227 -16.04 -27.85 -12.51
CA LEU A 227 -17.23 -28.21 -11.75
C LEU A 227 -17.28 -29.70 -11.46
N LEU A 228 -16.97 -30.52 -12.47
CA LEU A 228 -16.93 -31.97 -12.27
C LEU A 228 -15.85 -32.36 -11.27
N ALA A 229 -14.73 -31.64 -11.25
CA ALA A 229 -13.68 -31.92 -10.28
C ALA A 229 -14.17 -31.70 -8.86
N ILE A 230 -14.80 -30.55 -8.62
CA ILE A 230 -15.30 -30.27 -7.27
C ILE A 230 -16.36 -31.29 -6.87
N VAL A 231 -17.26 -31.64 -7.80
CA VAL A 231 -18.31 -32.60 -7.50
C VAL A 231 -17.71 -33.96 -7.17
N SER A 232 -16.71 -34.41 -7.93
CA SER A 232 -16.13 -35.71 -7.70
C SER A 232 -15.35 -35.75 -6.40
N THR A 233 -14.71 -34.65 -6.03
CA THR A 233 -14.01 -34.62 -4.75
C THR A 233 -14.99 -34.73 -3.59
N VAL A 234 -16.13 -34.04 -3.69
CA VAL A 234 -17.14 -34.16 -2.65
C VAL A 234 -17.66 -35.58 -2.58
N ILE A 235 -17.90 -36.20 -3.74
CA ILE A 235 -18.38 -37.58 -3.79
C ILE A 235 -17.37 -38.51 -3.11
N ALA A 236 -16.09 -38.32 -3.39
CA ALA A 236 -15.06 -39.19 -2.84
C ALA A 236 -14.97 -39.06 -1.33
N LEU A 237 -15.05 -37.83 -0.83
CA LEU A 237 -14.96 -37.64 0.61
C LEU A 237 -16.19 -38.21 1.31
N LEU A 238 -17.36 -38.11 0.68
CA LEU A 238 -18.55 -38.73 1.26
C LEU A 238 -18.43 -40.25 1.31
N ALA A 239 -17.87 -40.85 0.26
CA ALA A 239 -17.71 -42.30 0.25
C ALA A 239 -16.68 -42.74 1.28
N LEU A 240 -15.59 -41.98 1.43
CA LEU A 240 -14.62 -42.29 2.47
C LEU A 240 -15.22 -42.16 3.86
N TRP A 241 -16.14 -41.20 4.04
CA TRP A 241 -16.86 -41.10 5.31
C TRP A 241 -17.71 -42.34 5.55
N ARG A 242 -18.42 -42.80 4.52
CA ARG A 242 -19.21 -44.02 4.65
C ARG A 242 -18.36 -45.25 4.90
N LEU A 243 -17.09 -45.21 4.49
CA LEU A 243 -16.18 -46.31 4.81
C LEU A 243 -15.64 -46.22 6.23
N ASP A 244 -15.32 -45.00 6.68
CA ASP A 244 -14.88 -44.81 8.06
C ASP A 244 -15.97 -45.19 9.04
N ARG A 245 -17.23 -45.05 8.66
CA ARG A 245 -18.34 -45.45 9.54
C ARG A 245 -18.47 -46.98 9.70
N LEU A 246 -17.57 -47.83 9.21
CA LEU A 246 -17.75 -49.27 9.38
C LEU A 246 -17.57 -49.71 10.83
N ASP A 247 -16.81 -48.96 11.62
CA ASP A 247 -16.68 -49.24 13.04
C ASP A 247 -17.95 -48.83 13.77
N GLY A 248 -18.22 -49.50 14.90
CA GLY A 248 -19.46 -49.27 15.63
C GLY A 248 -19.53 -47.92 16.31
N ARG A 249 -18.45 -47.15 16.31
CA ARG A 249 -18.44 -45.87 17.00
C ARG A 249 -19.37 -44.89 16.29
N ARG A 250 -19.94 -43.97 17.06
CA ARG A 250 -20.91 -43.01 16.57
C ARG A 250 -20.70 -41.68 17.27
N MET A 251 -21.25 -40.62 16.68
CA MET A 251 -21.27 -39.31 17.32
C MET A 251 -22.56 -39.17 18.11
N HIS A 252 -22.44 -38.90 19.41
CA HIS A 252 -23.64 -38.70 20.22
C HIS A 252 -24.37 -37.43 19.79
N ARG A 253 -25.67 -37.42 20.02
CA ARG A 253 -26.52 -36.33 19.53
C ARG A 253 -26.48 -35.12 20.45
N LEU A 254 -25.98 -35.25 21.67
CA LEU A 254 -25.96 -34.16 22.63
C LEU A 254 -24.69 -33.34 22.51
N ILE A 255 -24.81 -32.05 22.78
CA ILE A 255 -23.66 -31.14 22.78
C ILE A 255 -23.04 -31.17 24.18
N PRO A 256 -21.72 -31.01 24.32
CA PRO A 256 -21.14 -31.10 25.67
C PRO A 256 -21.43 -29.87 26.51
N THR A 257 -20.86 -29.83 27.71
CA THR A 257 -21.09 -28.70 28.60
C THR A 257 -20.24 -27.50 28.18
N ARG A 258 -19.02 -27.75 27.70
CA ARG A 258 -18.11 -26.65 27.38
C ARG A 258 -18.62 -25.81 26.23
N TRP A 259 -19.23 -26.44 25.23
CA TRP A 259 -19.80 -25.68 24.12
C TRP A 259 -21.12 -25.02 24.49
N ARG A 260 -21.70 -25.36 25.64
CA ARG A 260 -22.96 -24.79 26.10
C ARG A 260 -22.73 -23.65 27.08
N THR A 261 -21.82 -23.82 28.03
CA THR A 261 -21.53 -22.81 29.03
C THR A 261 -20.80 -21.63 28.41
N VAL A 262 -20.84 -20.50 29.13
CA VAL A 262 -20.14 -19.28 28.75
C VAL A 262 -19.41 -18.76 29.98
N THR A 263 -18.30 -18.07 29.74
CA THR A 263 -17.37 -17.66 30.77
C THR A 263 -17.11 -16.15 30.68
N ALA A 264 -16.16 -15.68 31.49
CA ALA A 264 -15.76 -14.28 31.48
C ALA A 264 -14.60 -14.03 30.51
N VAL A 265 -13.77 -15.04 30.28
CA VAL A 265 -12.69 -14.89 29.31
C VAL A 265 -13.28 -14.70 27.92
N ASP A 266 -14.38 -15.42 27.62
CA ASP A 266 -15.07 -15.24 26.36
C ASP A 266 -15.52 -13.79 26.19
N GLY A 267 -16.10 -13.22 27.23
CA GLY A 267 -16.55 -11.84 27.15
C GLY A 267 -15.41 -10.87 26.98
N VAL A 268 -14.33 -11.09 27.73
CA VAL A 268 -13.17 -10.20 27.63
C VAL A 268 -12.61 -10.22 26.21
N VAL A 269 -12.39 -11.41 25.67
CA VAL A 269 -11.78 -11.53 24.35
C VAL A 269 -12.69 -10.95 23.28
N VAL A 270 -13.98 -11.29 23.32
CA VAL A 270 -14.91 -10.82 22.30
C VAL A 270 -15.04 -9.30 22.36
N GLY A 271 -15.18 -8.75 23.57
CA GLY A 271 -15.32 -7.31 23.70
C GLY A 271 -14.06 -6.57 23.26
N GLY A 272 -12.89 -7.10 23.64
CA GLY A 272 -11.66 -6.49 23.19
C GLY A 272 -11.52 -6.53 21.68
N MET A 273 -11.94 -7.63 21.06
CA MET A 273 -11.84 -7.75 19.62
C MET A 273 -12.77 -6.76 18.93
N ALA A 274 -13.98 -6.59 19.46
CA ALA A 274 -14.91 -5.63 18.89
C ALA A 274 -14.39 -4.20 19.04
N ILE A 275 -13.92 -3.86 20.24
CA ILE A 275 -13.45 -2.51 20.50
C ILE A 275 -12.22 -2.20 19.67
N TRP A 276 -11.35 -3.20 19.46
CA TRP A 276 -10.18 -2.99 18.62
C TRP A 276 -10.56 -2.93 17.15
N TYR A 277 -11.61 -3.66 16.77
CA TYR A 277 -12.09 -3.61 15.39
C TYR A 277 -12.57 -2.21 15.05
N VAL A 278 -13.38 -1.61 15.91
CA VAL A 278 -13.85 -0.26 15.65
C VAL A 278 -12.73 0.76 15.85
N ILE A 279 -12.22 0.86 17.07
CA ILE A 279 -11.35 1.96 17.49
C ILE A 279 -9.92 1.76 17.02
N GLY A 280 -9.51 0.52 16.74
CA GLY A 280 -8.12 0.18 16.75
C GLY A 280 -7.41 0.42 15.42
N ALA A 281 -6.10 0.18 15.46
CA ALA A 281 -5.23 0.44 14.35
C ALA A 281 -5.49 -0.53 13.21
N ASN A 282 -4.84 -0.27 12.08
CA ASN A 282 -4.96 -1.07 10.88
C ASN A 282 -3.57 -1.26 10.27
N SER A 283 -3.44 -2.30 9.46
CA SER A 283 -2.16 -2.71 8.93
C SER A 283 -1.71 -1.72 7.84
N SER A 284 -0.58 -2.04 7.21
CA SER A 284 0.08 -1.13 6.29
C SER A 284 -0.30 -1.35 4.84
N ASP A 285 -0.62 -2.58 4.46
CA ASP A 285 -0.90 -2.92 3.07
C ASP A 285 -2.39 -2.90 2.74
N ASP A 286 -3.15 -2.01 3.38
CA ASP A 286 -4.60 -2.02 3.23
C ASP A 286 -5.03 -1.47 1.88
N GLY A 287 -4.53 -0.28 1.52
CA GLY A 287 -4.94 0.33 0.26
C GLY A 287 -4.54 -0.51 -0.94
N TYR A 288 -3.41 -1.21 -0.83
CA TYR A 288 -2.97 -2.19 -1.81
C TYR A 288 -4.12 -3.13 -2.16
N ILE A 289 -4.60 -3.86 -1.16
CA ILE A 289 -5.64 -4.86 -1.35
C ILE A 289 -6.94 -4.19 -1.80
N LEU A 290 -7.27 -3.04 -1.23
CA LEU A 290 -8.56 -2.43 -1.51
C LEU A 290 -8.64 -1.99 -2.97
N GLN A 291 -7.58 -1.36 -3.48
CA GLN A 291 -7.63 -0.89 -4.85
C GLN A 291 -7.57 -2.06 -5.83
N MET A 292 -6.79 -3.10 -5.51
CA MET A 292 -6.80 -4.30 -6.33
C MET A 292 -8.21 -4.87 -6.43
N ALA A 293 -8.89 -4.97 -5.29
CA ALA A 293 -10.23 -5.55 -5.24
C ALA A 293 -11.22 -4.70 -6.02
N ARG A 294 -11.16 -3.38 -5.85
CA ARG A 294 -12.13 -2.51 -6.50
C ARG A 294 -11.95 -2.49 -8.01
N THR A 295 -10.72 -2.58 -8.51
CA THR A 295 -10.49 -2.55 -9.95
C THR A 295 -10.61 -3.91 -10.62
N ALA A 296 -10.60 -5.00 -9.85
CA ALA A 296 -10.62 -6.34 -10.44
C ALA A 296 -11.86 -6.59 -11.30
N GLU A 297 -13.03 -6.15 -10.86
CA GLU A 297 -14.26 -6.55 -11.56
C GLU A 297 -14.39 -5.82 -12.88
N HIS A 298 -13.90 -4.58 -12.96
CA HIS A 298 -13.90 -3.87 -14.23
C HIS A 298 -12.80 -4.39 -15.15
N ALA A 299 -11.64 -4.74 -14.58
CA ALA A 299 -10.55 -5.23 -15.41
C ALA A 299 -10.89 -6.54 -16.10
N GLY A 300 -11.36 -7.52 -15.33
CA GLY A 300 -11.50 -8.88 -15.79
C GLY A 300 -10.52 -9.85 -15.18
N TYR A 301 -9.67 -9.38 -14.26
CA TYR A 301 -8.65 -10.19 -13.62
C TYR A 301 -8.06 -9.39 -12.48
N MET A 302 -7.57 -10.09 -11.48
CA MET A 302 -7.03 -9.45 -10.28
C MET A 302 -5.64 -8.94 -10.59
N ALA A 303 -5.52 -7.63 -10.79
CA ALA A 303 -4.25 -6.99 -11.08
C ALA A 303 -3.68 -6.38 -9.81
N ASN A 304 -2.35 -6.27 -9.78
CA ASN A 304 -1.70 -5.65 -8.63
C ASN A 304 -1.94 -4.15 -8.60
N TYR A 305 -2.08 -3.54 -9.77
CA TYR A 305 -2.56 -2.17 -9.98
C TYR A 305 -1.49 -1.13 -9.66
N PHE A 306 -0.33 -1.50 -9.12
CA PHE A 306 0.69 -0.54 -8.73
C PHE A 306 2.08 -0.88 -9.26
N ARG A 307 2.29 -2.08 -9.80
CA ARG A 307 3.64 -2.54 -10.07
C ARG A 307 3.56 -3.79 -10.95
N TRP A 308 4.69 -4.09 -11.59
CA TRP A 308 4.88 -5.34 -12.32
C TRP A 308 3.95 -5.49 -13.52
N PHE A 309 3.63 -4.36 -14.17
CA PHE A 309 3.11 -4.35 -15.53
C PHE A 309 1.76 -5.05 -15.63
N GLY A 310 0.85 -4.68 -14.74
CA GLY A 310 -0.49 -5.23 -14.78
C GLY A 310 -0.55 -6.72 -14.57
N SER A 311 0.45 -7.28 -13.91
CA SER A 311 0.52 -8.72 -13.74
C SER A 311 -0.29 -9.12 -12.52
N PRO A 312 -0.84 -10.34 -12.51
CA PRO A 312 -1.83 -10.68 -11.48
C PRO A 312 -1.24 -11.33 -10.24
N GLU A 313 -2.02 -11.28 -9.15
CA GLU A 313 -1.81 -12.08 -7.96
C GLU A 313 -2.66 -13.34 -7.97
N ASP A 314 -2.87 -13.93 -9.13
CA ASP A 314 -3.80 -15.03 -9.31
C ASP A 314 -3.36 -16.36 -8.70
N PRO A 315 -2.06 -16.74 -8.72
CA PRO A 315 -1.70 -17.99 -8.02
C PRO A 315 -2.00 -17.95 -6.53
N PHE A 316 -1.97 -16.77 -5.92
CA PHE A 316 -2.41 -16.58 -4.53
C PHE A 316 -3.37 -15.40 -4.54
N GLY A 317 -4.63 -15.63 -4.91
CA GLY A 317 -5.56 -14.53 -5.11
C GLY A 317 -7.04 -14.70 -4.87
N TRP A 318 -7.49 -15.81 -4.26
CA TRP A 318 -8.93 -16.04 -4.19
C TRP A 318 -9.59 -15.26 -3.07
N TYR A 319 -8.87 -15.02 -1.97
CA TYR A 319 -9.37 -14.15 -0.91
C TYR A 319 -9.59 -12.74 -1.44
N TYR A 320 -8.74 -12.30 -2.37
CA TYR A 320 -8.93 -11.00 -2.98
C TYR A 320 -10.19 -10.95 -3.83
N ASN A 321 -10.58 -12.07 -4.43
CA ASN A 321 -11.83 -12.11 -5.17
C ASN A 321 -13.03 -12.14 -4.24
N VAL A 322 -12.87 -12.73 -3.05
CA VAL A 322 -13.91 -12.61 -2.03
C VAL A 322 -14.10 -11.15 -1.65
N LEU A 323 -13.00 -10.45 -1.41
CA LEU A 323 -13.08 -9.02 -1.09
C LEU A 323 -13.67 -8.23 -2.25
N ALA A 324 -13.37 -8.65 -3.48
CA ALA A 324 -13.90 -7.96 -4.65
C ALA A 324 -15.40 -8.12 -4.75
N LEU A 325 -15.92 -9.31 -4.41
CA LEU A 325 -17.36 -9.49 -4.37
C LEU A 325 -17.98 -8.73 -3.20
N MET A 326 -17.21 -8.52 -2.13
CA MET A 326 -17.73 -7.74 -1.01
C MET A 326 -17.84 -6.27 -1.35
N THR A 327 -16.91 -5.76 -2.17
CA THR A 327 -16.91 -4.34 -2.51
C THR A 327 -18.15 -3.91 -3.28
N LYS A 328 -18.94 -4.84 -3.82
CA LYS A 328 -20.14 -4.46 -4.54
C LYS A 328 -21.20 -3.89 -3.61
N VAL A 329 -21.07 -4.10 -2.30
CA VAL A 329 -21.97 -3.49 -1.34
C VAL A 329 -21.44 -2.15 -0.87
N SER A 330 -20.24 -2.15 -0.31
CA SER A 330 -19.64 -0.94 0.22
C SER A 330 -18.14 -1.15 0.34
N ASP A 331 -17.41 -0.03 0.35
CA ASP A 331 -15.96 -0.02 0.47
C ASP A 331 -15.49 0.52 1.81
N ALA A 332 -16.40 0.60 2.79
CA ALA A 332 -16.06 1.15 4.09
C ALA A 332 -15.05 0.25 4.79
N SER A 333 -14.43 0.81 5.84
CA SER A 333 -13.48 0.06 6.64
C SER A 333 -14.15 -0.85 7.65
N ILE A 334 -15.42 -0.59 7.99
CA ILE A 334 -16.13 -1.41 8.97
C ILE A 334 -16.81 -2.63 8.35
N TRP A 335 -16.76 -2.78 7.02
CA TRP A 335 -17.38 -3.88 6.31
C TRP A 335 -16.39 -4.78 5.59
N ILE A 336 -15.40 -4.19 4.91
CA ILE A 336 -14.52 -4.96 4.05
C ILE A 336 -13.56 -5.83 4.83
N ARG A 337 -13.38 -5.59 6.13
CA ARG A 337 -12.47 -6.35 6.97
C ARG A 337 -13.21 -7.12 8.07
N LEU A 338 -14.46 -7.46 7.82
CA LEU A 338 -15.22 -8.39 8.67
C LEU A 338 -14.61 -9.78 8.77
N PRO A 339 -13.99 -10.32 7.72
CA PRO A 339 -13.28 -11.60 7.87
C PRO A 339 -12.30 -11.67 9.02
N ASP A 340 -11.65 -10.55 9.37
CA ASP A 340 -10.78 -10.56 10.53
C ASP A 340 -11.58 -10.87 11.80
N LEU A 341 -12.75 -10.27 11.96
CA LEU A 341 -13.56 -10.50 13.15
C LEU A 341 -14.10 -11.92 13.18
N ILE A 342 -14.62 -12.39 12.04
CA ILE A 342 -15.12 -13.76 11.95
C ILE A 342 -14.03 -14.75 12.32
N CYS A 343 -12.85 -14.60 11.70
CA CYS A 343 -11.76 -15.52 11.94
C CYS A 343 -11.24 -15.42 13.37
N ALA A 344 -11.30 -14.24 13.98
CA ALA A 344 -10.89 -14.10 15.36
C ALA A 344 -11.81 -14.91 16.28
N LEU A 345 -13.11 -14.77 16.07
CA LEU A 345 -14.05 -15.53 16.90
C LEU A 345 -13.90 -17.03 16.67
N ILE A 346 -13.69 -17.44 15.42
CA ILE A 346 -13.50 -18.86 15.13
C ILE A 346 -12.25 -19.38 15.81
N CYS A 347 -11.16 -18.63 15.76
CA CYS A 347 -9.93 -19.04 16.43
C CYS A 347 -10.14 -19.17 17.93
N TRP A 348 -10.83 -18.20 18.54
CA TRP A 348 -11.03 -18.26 19.98
C TRP A 348 -11.86 -19.46 20.37
N LEU A 349 -12.95 -19.73 19.64
CA LEU A 349 -13.78 -20.89 19.96
C LEU A 349 -13.01 -22.19 19.80
N LEU A 350 -12.35 -22.36 18.65
CA LEU A 350 -11.63 -23.61 18.40
C LEU A 350 -10.44 -23.78 19.34
N LEU A 351 -9.91 -22.69 19.87
CA LEU A 351 -8.77 -22.77 20.77
C LEU A 351 -9.22 -23.05 22.19
N SER A 352 -10.35 -22.49 22.60
CA SER A 352 -10.82 -22.69 23.96
C SER A 352 -11.53 -24.02 24.14
N ARG A 353 -12.11 -24.56 23.07
CA ARG A 353 -13.02 -25.69 23.18
C ARG A 353 -12.65 -26.89 22.31
N GLU A 354 -11.51 -26.87 21.62
CA GLU A 354 -10.98 -28.06 20.95
C GLU A 354 -9.49 -28.29 21.14
N VAL A 355 -8.70 -27.26 21.44
CA VAL A 355 -7.24 -27.38 21.46
C VAL A 355 -6.76 -27.59 22.88
N LEU A 356 -7.32 -26.85 23.82
CA LEU A 356 -6.83 -26.92 25.19
C LEU A 356 -7.20 -28.21 25.90
N PRO A 357 -8.42 -28.73 25.80
CA PRO A 357 -8.72 -30.00 26.48
C PRO A 357 -7.94 -31.18 25.93
N ARG A 358 -7.59 -31.16 24.64
CA ARG A 358 -6.86 -32.27 24.05
C ARG A 358 -5.38 -32.24 24.41
N LEU A 359 -4.88 -31.14 24.99
CA LEU A 359 -3.54 -31.12 25.55
C LEU A 359 -3.45 -31.90 26.84
N GLY A 360 -4.51 -31.93 27.64
CA GLY A 360 -4.55 -32.73 28.85
C GLY A 360 -5.64 -32.28 29.79
N PRO A 361 -5.72 -32.93 30.96
CA PRO A 361 -6.68 -32.51 31.98
C PRO A 361 -6.19 -31.33 32.80
N ALA A 362 -4.86 -31.21 32.95
CA ALA A 362 -4.30 -30.04 33.61
C ALA A 362 -4.67 -28.76 32.87
N VAL A 363 -4.25 -28.63 31.64
CA VAL A 363 -4.81 -27.61 30.76
C VAL A 363 -6.31 -27.88 30.63
N ALA A 364 -7.08 -26.81 30.53
CA ALA A 364 -8.55 -26.82 30.53
C ALA A 364 -9.14 -27.10 31.90
N GLY A 365 -8.32 -27.34 32.93
CA GLY A 365 -8.78 -27.39 34.30
C GLY A 365 -8.43 -26.11 35.01
N SER A 366 -7.29 -25.54 34.65
CA SER A 366 -6.84 -24.26 35.16
C SER A 366 -7.49 -23.13 34.39
N ARG A 367 -7.63 -21.97 35.05
CA ARG A 367 -8.13 -20.77 34.39
C ARG A 367 -7.00 -19.91 33.86
N ALA A 368 -5.84 -19.96 34.52
CA ALA A 368 -4.71 -19.13 34.12
C ALA A 368 -4.28 -19.43 32.69
N ALA A 369 -4.31 -20.71 32.30
CA ALA A 369 -3.96 -21.07 30.94
C ALA A 369 -4.94 -20.48 29.94
N MET A 370 -6.22 -20.45 30.29
CA MET A 370 -7.22 -19.90 29.38
C MET A 370 -7.06 -18.39 29.25
N TRP A 371 -6.81 -17.71 30.37
CA TRP A 371 -6.50 -16.29 30.33
C TRP A 371 -5.28 -16.03 29.48
N ALA A 372 -4.24 -16.86 29.62
CA ALA A 372 -3.02 -16.68 28.84
C ALA A 372 -3.31 -16.81 27.36
N ALA A 373 -4.07 -17.83 26.98
CA ALA A 373 -4.40 -18.04 25.59
C ALA A 373 -5.17 -16.86 25.02
N GLY A 374 -6.20 -16.41 25.74
CA GLY A 374 -6.99 -15.29 25.25
C GLY A 374 -6.18 -14.03 25.11
N LEU A 375 -5.38 -13.71 26.13
CA LEU A 375 -4.64 -12.45 26.14
C LEU A 375 -3.53 -12.47 25.11
N VAL A 376 -2.88 -13.61 24.90
CA VAL A 376 -1.82 -13.67 23.89
C VAL A 376 -2.43 -13.59 22.49
N LEU A 377 -3.60 -14.21 22.29
CA LEU A 377 -4.27 -14.10 21.01
C LEU A 377 -4.64 -12.66 20.73
N LEU A 378 -5.16 -11.96 21.74
CA LEU A 378 -5.43 -10.53 21.62
C LEU A 378 -4.17 -9.77 21.22
N GLY A 379 -3.10 -9.93 22.01
CA GLY A 379 -1.91 -9.13 21.80
C GLY A 379 -1.26 -9.36 20.46
N ALA A 380 -1.40 -10.58 19.92
CA ALA A 380 -0.85 -10.86 18.60
C ALA A 380 -1.78 -10.47 17.47
N TRP A 381 -3.08 -10.49 17.70
CA TRP A 381 -4.04 -10.08 16.69
C TRP A 381 -4.10 -8.57 16.55
N MET A 382 -3.70 -7.84 17.59
CA MET A 382 -3.91 -6.40 17.60
C MET A 382 -3.11 -5.65 16.53
N PRO A 383 -1.77 -5.70 16.53
CA PRO A 383 -1.06 -4.84 15.58
C PRO A 383 -1.12 -5.33 14.15
N PHE A 384 -1.16 -6.65 13.94
CA PHE A 384 -0.99 -7.25 12.62
C PHE A 384 -2.29 -7.64 11.95
N ASN A 385 -3.09 -8.49 12.60
CA ASN A 385 -4.19 -9.18 11.95
C ASN A 385 -5.49 -8.37 11.92
N ASN A 386 -5.45 -7.09 12.25
CA ASN A 386 -6.57 -6.19 12.03
C ASN A 386 -6.23 -5.31 10.84
N GLY A 387 -6.84 -5.61 9.70
CA GLY A 387 -6.52 -4.93 8.47
C GLY A 387 -7.16 -5.62 7.28
N LEU A 388 -6.36 -5.87 6.25
CA LEU A 388 -6.81 -6.63 5.10
C LEU A 388 -5.83 -7.71 4.65
N ARG A 389 -4.57 -7.64 5.03
CA ARG A 389 -3.69 -8.73 4.64
C ARG A 389 -4.08 -10.00 5.40
N PRO A 390 -3.89 -11.17 4.79
CA PRO A 390 -4.61 -12.36 5.24
C PRO A 390 -3.94 -13.16 6.35
N GLU A 391 -3.01 -12.54 7.08
CA GLU A 391 -2.22 -13.26 8.08
C GLU A 391 -3.10 -13.97 9.10
N GLY A 392 -4.16 -13.31 9.56
CA GLY A 392 -5.04 -13.91 10.54
C GLY A 392 -5.83 -15.07 9.97
N GLN A 393 -6.24 -14.95 8.71
CA GLN A 393 -6.93 -16.05 8.04
C GLN A 393 -6.01 -17.25 7.88
N ILE A 394 -4.72 -17.00 7.62
CA ILE A 394 -3.74 -18.06 7.57
C ILE A 394 -3.63 -18.76 8.92
N ALA A 395 -3.60 -17.98 9.99
CA ALA A 395 -3.52 -18.57 11.33
C ALA A 395 -4.76 -19.42 11.62
N THR A 396 -5.92 -18.94 11.20
CA THR A 396 -7.16 -19.70 11.41
C THR A 396 -7.13 -21.00 10.64
N GLY A 397 -6.65 -20.97 9.41
CA GLY A 397 -6.55 -22.19 8.63
C GLY A 397 -5.58 -23.18 9.26
N ALA A 398 -4.48 -22.68 9.80
CA ALA A 398 -3.52 -23.57 10.47
C ALA A 398 -4.14 -24.21 11.70
N LEU A 399 -4.90 -23.44 12.47
CA LEU A 399 -5.56 -23.99 13.64
C LEU A 399 -6.60 -25.04 13.26
N ILE A 400 -7.36 -24.78 12.20
CA ILE A 400 -8.34 -25.75 11.72
C ILE A 400 -7.64 -27.03 11.30
N THR A 401 -6.50 -26.89 10.62
CA THR A 401 -5.73 -28.05 10.19
C THR A 401 -5.27 -28.89 11.37
N TYR A 402 -4.70 -28.23 12.38
CA TYR A 402 -4.26 -28.93 13.60
C TYR A 402 -5.41 -29.64 14.28
N VAL A 403 -6.56 -28.96 14.38
CA VAL A 403 -7.72 -29.54 15.07
C VAL A 403 -8.20 -30.78 14.34
N LEU A 404 -8.26 -30.71 13.01
CA LEU A 404 -8.78 -31.84 12.26
C LEU A 404 -7.81 -33.01 12.29
N ILE A 405 -6.50 -32.73 12.31
CA ILE A 405 -5.52 -33.80 12.39
C ILE A 405 -5.61 -34.49 13.74
N GLU A 406 -5.77 -33.72 14.81
CA GLU A 406 -5.87 -34.33 16.14
C GLU A 406 -7.15 -35.15 16.26
N ARG A 407 -8.25 -34.65 15.70
CA ARG A 407 -9.49 -35.42 15.70
C ARG A 407 -9.35 -36.71 14.91
N ALA A 408 -8.57 -36.67 13.83
CA ALA A 408 -8.33 -37.89 13.06
C ALA A 408 -7.53 -38.89 13.86
N VAL A 409 -6.46 -38.44 14.50
CA VAL A 409 -5.61 -39.33 15.28
C VAL A 409 -6.41 -39.97 16.42
N THR A 410 -7.23 -39.18 17.10
CA THR A 410 -8.03 -39.72 18.19
C THR A 410 -9.07 -40.70 17.67
N SER A 411 -9.97 -40.23 16.80
CA SER A 411 -11.04 -41.07 16.28
C SER A 411 -10.55 -42.16 15.34
N GLY A 412 -9.27 -42.15 14.95
CA GLY A 412 -8.74 -43.17 14.07
C GLY A 412 -9.23 -43.13 12.65
N ARG A 413 -10.02 -42.13 12.28
CA ARG A 413 -10.60 -42.01 10.95
C ARG A 413 -9.75 -41.12 10.06
N LEU A 414 -10.00 -41.20 8.76
CA LEU A 414 -9.15 -40.59 7.74
C LEU A 414 -9.81 -39.44 7.01
N THR A 415 -11.11 -39.18 7.23
CA THR A 415 -11.76 -38.06 6.57
C THR A 415 -11.28 -36.71 7.07
N PRO A 416 -11.11 -36.45 8.37
CA PRO A 416 -10.61 -35.14 8.79
C PRO A 416 -9.21 -34.86 8.29
N ALA A 417 -8.42 -35.90 8.01
CA ALA A 417 -7.11 -35.69 7.41
C ALA A 417 -7.24 -35.14 6.00
N ALA A 418 -8.19 -35.66 5.23
CA ALA A 418 -8.39 -35.16 3.88
C ALA A 418 -8.91 -33.72 3.90
N LEU A 419 -9.88 -33.44 4.77
CA LEU A 419 -10.37 -32.07 4.92
C LEU A 419 -9.25 -31.14 5.39
N ALA A 420 -8.31 -31.65 6.19
CA ALA A 420 -7.20 -30.85 6.65
C ALA A 420 -6.21 -30.58 5.52
N ILE A 421 -6.01 -31.55 4.64
CA ILE A 421 -5.19 -31.32 3.45
C ILE A 421 -5.82 -30.25 2.58
N THR A 422 -7.14 -30.29 2.43
CA THR A 422 -7.84 -29.26 1.66
C THR A 422 -7.63 -27.89 2.29
N THR A 423 -7.83 -27.79 3.61
CA THR A 423 -7.65 -26.53 4.30
C THR A 423 -6.24 -26.00 4.17
N ALA A 424 -5.25 -26.89 4.21
CA ALA A 424 -3.86 -26.48 4.04
C ALA A 424 -3.61 -25.97 2.63
N ALA A 425 -4.18 -26.64 1.63
CA ALA A 425 -4.03 -26.19 0.25
C ALA A 425 -4.60 -24.79 0.07
N PHE A 426 -5.77 -24.54 0.62
CA PHE A 426 -6.38 -23.22 0.48
C PHE A 426 -5.60 -22.17 1.26
N THR A 427 -5.16 -22.50 2.47
CA THR A 427 -4.36 -21.58 3.28
C THR A 427 -3.05 -21.23 2.59
N LEU A 428 -2.51 -22.15 1.80
CA LEU A 428 -1.33 -21.82 1.00
C LEU A 428 -1.72 -20.99 -0.21
N GLY A 429 -2.91 -21.25 -0.78
CA GLY A 429 -3.38 -20.48 -1.91
C GLY A 429 -3.84 -19.09 -1.56
N ILE A 430 -3.82 -18.72 -0.28
CA ILE A 430 -4.09 -17.34 0.09
C ILE A 430 -2.85 -16.47 -0.13
N GLN A 431 -1.74 -16.85 0.49
CA GLN A 431 -0.50 -16.08 0.49
C GLN A 431 0.63 -17.09 0.59
N PRO A 432 1.82 -16.82 0.02
CA PRO A 432 2.89 -17.83 0.09
C PRO A 432 3.35 -18.15 1.50
N THR A 433 3.07 -17.30 2.47
CA THR A 433 3.44 -17.57 3.86
C THR A 433 2.40 -18.43 4.58
N GLY A 434 1.52 -19.09 3.84
CA GLY A 434 0.62 -20.10 4.39
C GLY A 434 1.20 -21.48 4.47
N LEU A 435 2.47 -21.64 4.10
CA LEU A 435 3.13 -22.93 4.20
C LEU A 435 3.18 -23.44 5.64
N ILE A 436 3.01 -22.55 6.62
CA ILE A 436 2.85 -22.95 8.02
C ILE A 436 1.79 -24.02 8.16
N ALA A 437 0.69 -23.91 7.41
CA ALA A 437 -0.36 -24.90 7.48
C ALA A 437 0.16 -26.27 7.06
N VAL A 438 0.96 -26.31 5.99
CA VAL A 438 1.53 -27.56 5.52
C VAL A 438 2.39 -28.19 6.60
N ALA A 439 2.98 -27.37 7.48
CA ALA A 439 3.80 -27.91 8.56
C ALA A 439 3.00 -28.84 9.44
N ALA A 440 1.71 -28.56 9.64
CA ALA A 440 0.86 -29.46 10.41
C ALA A 440 0.82 -30.84 9.78
N LEU A 441 0.67 -30.89 8.46
CA LEU A 441 0.68 -32.17 7.76
C LEU A 441 2.01 -32.88 7.92
N LEU A 442 3.10 -32.13 8.12
CA LEU A 442 4.40 -32.75 8.33
C LEU A 442 4.55 -33.24 9.76
N ALA A 443 3.77 -32.70 10.69
CA ALA A 443 3.83 -33.14 12.09
C ALA A 443 2.95 -34.35 12.31
N GLY A 444 1.74 -34.32 11.75
CA GLY A 444 0.82 -35.43 11.85
C GLY A 444 0.89 -36.36 10.65
N GLY A 445 2.10 -36.63 10.19
CA GLY A 445 2.31 -37.49 9.05
C GLY A 445 2.34 -38.95 9.42
N ARG A 446 3.20 -39.29 10.38
CA ARG A 446 3.32 -40.68 10.80
C ARG A 446 2.03 -41.25 11.41
N PRO A 447 1.25 -40.50 12.21
CA PRO A 447 -0.03 -41.07 12.65
C PRO A 447 -0.97 -41.41 11.51
N ILE A 448 -1.05 -40.55 10.50
CA ILE A 448 -1.95 -40.82 9.38
C ILE A 448 -1.42 -42.00 8.56
N LEU A 449 -0.09 -42.12 8.45
CA LEU A 449 0.47 -43.28 7.78
C LEU A 449 0.18 -44.56 8.55
N ARG A 450 0.19 -44.49 9.87
CA ARG A 450 -0.20 -45.64 10.68
C ARG A 450 -1.66 -46.01 10.42
N ILE A 451 -2.54 -45.00 10.37
CA ILE A 451 -3.95 -45.27 10.11
C ILE A 451 -4.12 -45.92 8.73
N VAL A 452 -3.33 -45.46 7.76
CA VAL A 452 -3.47 -45.97 6.40
C VAL A 452 -2.99 -47.40 6.32
N MET A 453 -1.87 -47.71 6.98
CA MET A 453 -1.38 -49.09 7.00
C MET A 453 -2.22 -49.99 7.90
N ARG A 454 -3.08 -49.41 8.75
CA ARG A 454 -3.98 -50.22 9.57
C ARG A 454 -5.25 -50.54 8.81
N ARG A 455 -5.81 -49.56 8.11
CA ARG A 455 -7.03 -49.77 7.34
C ARG A 455 -6.79 -50.34 5.96
N ARG A 456 -5.52 -50.49 5.54
CA ARG A 456 -5.22 -51.12 4.27
C ARG A 456 -5.66 -52.58 4.25
N ARG A 457 -5.64 -53.25 5.40
CA ARG A 457 -6.04 -54.65 5.46
C ARG A 457 -7.53 -54.82 5.21
N LEU A 458 -8.36 -54.05 5.93
CA LEU A 458 -9.80 -54.21 5.83
C LEU A 458 -10.30 -53.81 4.44
N VAL A 459 -9.92 -52.61 3.99
CA VAL A 459 -10.23 -52.11 2.66
C VAL A 459 -8.92 -51.75 1.98
N GLY A 460 -8.92 -51.83 0.65
CA GLY A 460 -7.70 -51.71 -0.12
C GLY A 460 -6.97 -50.39 0.00
N THR A 461 -5.93 -50.23 -0.82
CA THR A 461 -5.02 -49.09 -0.67
C THR A 461 -5.53 -47.87 -1.43
N TRP A 462 -6.09 -48.08 -2.60
CA TRP A 462 -6.45 -46.98 -3.50
C TRP A 462 -7.67 -46.20 -3.02
N PRO A 463 -8.71 -46.86 -2.49
CA PRO A 463 -9.83 -46.11 -1.90
C PRO A 463 -9.43 -45.07 -0.86
N LEU A 464 -8.31 -45.26 -0.18
CA LEU A 464 -7.82 -44.29 0.80
C LEU A 464 -6.92 -43.25 0.17
N ILE A 465 -5.99 -43.68 -0.69
CA ILE A 465 -4.97 -42.77 -1.22
C ILE A 465 -5.56 -41.82 -2.25
N ALA A 466 -6.62 -42.23 -2.95
CA ALA A 466 -7.14 -41.40 -4.03
C ALA A 466 -7.84 -40.15 -3.54
N PRO A 467 -8.73 -40.20 -2.54
CA PRO A 467 -9.34 -38.97 -2.04
C PRO A 467 -8.36 -37.97 -1.49
N LEU A 468 -7.23 -38.42 -0.94
CA LEU A 468 -6.24 -37.47 -0.43
C LEU A 468 -5.58 -36.71 -1.57
N LEU A 469 -5.23 -37.42 -2.64
CA LEU A 469 -4.73 -36.75 -3.84
C LEU A 469 -5.75 -35.75 -4.37
N ALA A 470 -7.02 -36.15 -4.44
CA ALA A 470 -8.06 -35.26 -4.96
C ALA A 470 -8.21 -34.03 -4.08
N ALA A 471 -8.16 -34.21 -2.77
CA ALA A 471 -8.25 -33.08 -1.85
C ALA A 471 -7.09 -32.12 -2.02
N GLY A 472 -5.87 -32.65 -2.07
CA GLY A 472 -4.72 -31.78 -2.25
C GLY A 472 -4.70 -31.09 -3.60
N THR A 473 -5.34 -31.68 -4.60
CA THR A 473 -5.25 -31.20 -5.97
C THR A 473 -6.42 -30.34 -6.41
N VAL A 474 -7.53 -30.34 -5.67
CA VAL A 474 -8.69 -29.54 -6.04
C VAL A 474 -8.44 -28.04 -5.99
N ILE A 475 -7.36 -27.60 -5.35
CA ILE A 475 -7.06 -26.18 -5.27
C ILE A 475 -6.74 -25.61 -6.65
N LEU A 476 -6.26 -26.46 -7.56
CA LEU A 476 -5.90 -25.99 -8.89
C LEU A 476 -7.11 -25.59 -9.73
N ALA A 477 -8.32 -25.97 -9.30
CA ALA A 477 -9.52 -25.58 -10.02
C ALA A 477 -10.02 -24.22 -9.60
N VAL A 478 -9.59 -23.74 -8.44
CA VAL A 478 -9.95 -22.40 -7.96
C VAL A 478 -8.84 -21.41 -8.24
N VAL A 479 -7.58 -21.86 -8.21
CA VAL A 479 -6.46 -20.95 -8.33
C VAL A 479 -6.22 -20.59 -9.79
N PHE A 480 -6.56 -21.49 -10.72
CA PHE A 480 -6.39 -21.28 -12.16
C PHE A 480 -7.74 -21.25 -12.87
N ALA A 481 -8.70 -20.52 -12.31
CA ALA A 481 -9.98 -20.35 -12.98
C ALA A 481 -9.87 -19.34 -14.11
N ASP A 482 -9.48 -18.09 -13.78
CA ASP A 482 -9.34 -17.02 -14.75
C ASP A 482 -7.91 -16.87 -15.26
N GLN A 483 -7.09 -17.91 -15.15
CA GLN A 483 -5.73 -17.85 -15.63
C GLN A 483 -5.27 -19.24 -16.05
N THR A 484 -4.16 -19.26 -16.78
CA THR A 484 -3.48 -20.46 -17.24
C THR A 484 -2.13 -20.55 -16.55
N ILE A 485 -1.34 -21.55 -16.96
CA ILE A 485 -0.02 -21.74 -16.38
C ILE A 485 1.00 -20.79 -17.01
N ALA A 486 0.82 -20.46 -18.29
CA ALA A 486 1.76 -19.58 -18.97
C ALA A 486 1.72 -18.18 -18.40
N THR A 487 0.52 -17.68 -18.08
CA THR A 487 0.39 -16.36 -17.49
C THR A 487 1.07 -16.30 -16.13
N VAL A 488 0.93 -17.37 -15.34
CA VAL A 488 1.54 -17.39 -14.02
C VAL A 488 3.06 -17.44 -14.14
N LEU A 489 3.57 -18.24 -15.08
CA LEU A 489 5.01 -18.29 -15.28
C LEU A 489 5.55 -16.94 -15.74
N GLU A 490 4.79 -16.24 -16.58
CA GLU A 490 5.21 -14.91 -17.01
C GLU A 490 5.21 -13.93 -15.85
N ALA A 491 4.16 -13.96 -15.03
CA ALA A 491 4.09 -13.07 -13.89
C ALA A 491 5.22 -13.31 -12.90
N THR A 492 5.55 -14.58 -12.66
CA THR A 492 6.69 -14.89 -11.80
C THR A 492 7.99 -14.43 -12.41
N ARG A 493 8.10 -14.52 -13.74
CA ARG A 493 9.28 -14.01 -14.44
C ARG A 493 9.46 -12.53 -14.18
N ILE A 494 8.37 -11.77 -14.27
CA ILE A 494 8.47 -10.32 -14.03
C ILE A 494 8.81 -10.05 -12.57
N ARG A 495 8.14 -10.76 -11.65
CA ARG A 495 8.35 -10.49 -10.23
C ARG A 495 9.76 -10.85 -9.79
N THR A 496 10.37 -11.85 -10.41
CA THR A 496 11.73 -12.24 -10.06
C THR A 496 12.78 -11.44 -10.79
N ALA A 497 12.48 -10.93 -11.99
CA ALA A 497 13.45 -10.11 -12.70
C ALA A 497 13.54 -8.73 -12.08
N ILE A 498 12.39 -8.12 -11.80
CA ILE A 498 12.33 -6.88 -11.05
C ILE A 498 12.49 -7.25 -9.59
N GLY A 499 12.92 -6.31 -8.77
CA GLY A 499 13.06 -6.56 -7.36
C GLY A 499 11.72 -6.81 -6.68
N PRO A 500 11.76 -7.00 -5.36
CA PRO A 500 10.54 -7.20 -4.60
C PRO A 500 9.85 -5.90 -4.24
N ARG A 526 3.46 -1.63 14.43
CA ARG A 526 4.35 -2.76 14.17
C ARG A 526 5.12 -3.11 15.43
N VAL A 527 4.40 -3.17 16.55
CA VAL A 527 5.03 -3.42 17.84
C VAL A 527 5.69 -4.79 17.83
N ALA A 528 6.87 -4.88 18.41
CA ALA A 528 7.57 -6.15 18.52
C ALA A 528 6.91 -7.00 19.59
N PHE A 529 6.64 -8.26 19.25
CA PHE A 529 6.02 -9.21 20.17
C PHE A 529 6.74 -10.54 20.02
N VAL A 530 7.31 -11.02 21.13
CA VAL A 530 8.05 -12.28 21.16
C VAL A 530 7.53 -13.18 22.28
N PHE A 531 6.24 -13.07 22.60
CA PHE A 531 5.61 -14.05 23.47
C PHE A 531 5.78 -15.45 22.91
N THR A 532 5.79 -15.57 21.57
CA THR A 532 6.05 -16.84 20.92
C THR A 532 7.36 -17.46 21.37
N ALA A 533 8.46 -16.72 21.30
CA ALA A 533 9.77 -17.29 21.65
C ALA A 533 9.87 -17.51 23.15
N MET A 534 9.41 -16.54 23.94
CA MET A 534 9.45 -16.63 25.39
C MET A 534 8.58 -17.78 25.92
N CYS A 535 7.62 -18.25 25.13
CA CYS A 535 6.82 -19.42 25.50
C CYS A 535 7.30 -20.71 24.86
N LEU A 536 8.02 -20.63 23.74
CA LEU A 536 8.56 -21.82 23.08
C LEU A 536 9.79 -22.35 23.81
N PHE A 537 10.69 -21.46 24.25
CA PHE A 537 11.87 -21.91 24.97
C PHE A 537 11.54 -22.65 26.26
N PRO A 538 10.72 -22.11 27.18
CA PRO A 538 10.48 -22.84 28.45
C PRO A 538 9.78 -24.17 28.28
N SER A 539 8.72 -24.22 27.46
CA SER A 539 8.03 -25.47 27.22
C SER A 539 8.96 -26.50 26.60
N LEU A 540 9.78 -26.07 25.64
CA LEU A 540 10.75 -26.95 25.02
C LEU A 540 11.72 -27.53 26.05
N PHE A 541 12.33 -26.65 26.85
CA PHE A 541 13.34 -27.13 27.81
C PHE A 541 12.71 -27.95 28.92
N MET A 542 11.44 -27.73 29.24
CA MET A 542 10.79 -28.50 30.30
C MET A 542 10.29 -29.84 29.77
N MET A 543 10.02 -29.93 28.47
CA MET A 543 9.70 -31.23 27.88
C MET A 543 10.95 -32.05 27.64
N LEU A 544 12.08 -31.40 27.38
CA LEU A 544 13.35 -32.12 27.29
C LEU A 544 13.86 -32.56 28.65
N ARG A 545 13.77 -31.68 29.66
CA ARG A 545 14.29 -31.98 30.98
C ARG A 545 13.62 -33.20 31.59
N ARG A 546 12.32 -33.11 31.85
CA ARG A 546 11.56 -34.21 32.42
C ARG A 546 10.85 -34.95 31.29
N LYS A 547 10.90 -36.28 31.34
CA LYS A 547 10.35 -37.07 30.25
C LYS A 547 8.83 -36.95 30.18
N HIS A 548 8.14 -37.35 31.25
CA HIS A 548 6.68 -37.34 31.29
C HIS A 548 6.22 -36.38 32.39
N ILE A 549 5.24 -35.55 32.05
CA ILE A 549 4.66 -34.58 32.98
C ILE A 549 3.34 -35.13 33.48
N ALA A 550 3.09 -34.98 34.77
CA ALA A 550 1.87 -35.51 35.38
C ALA A 550 0.67 -34.67 34.93
N GLY A 551 -0.04 -35.16 33.93
CA GLY A 551 -1.26 -34.52 33.47
C GLY A 551 -1.12 -33.68 32.23
N VAL A 552 -0.35 -34.11 31.24
CA VAL A 552 -0.12 -33.36 30.02
C VAL A 552 0.17 -34.37 28.91
N ALA A 553 -0.35 -34.10 27.71
CA ALA A 553 -0.14 -34.97 26.57
C ALA A 553 1.16 -34.61 25.88
N ARG A 554 1.94 -35.63 25.51
CA ARG A 554 3.21 -35.40 24.81
C ARG A 554 2.98 -35.04 23.36
N GLY A 555 2.10 -35.78 22.68
CA GLY A 555 1.95 -35.71 21.26
C GLY A 555 1.49 -34.37 20.75
N PRO A 556 0.31 -33.93 21.18
CA PRO A 556 -0.21 -32.62 20.72
C PRO A 556 0.73 -31.47 21.01
N ALA A 557 1.36 -31.47 22.18
CA ALA A 557 2.29 -30.41 22.55
C ALA A 557 3.49 -30.40 21.61
N TRP A 558 4.10 -31.56 21.40
CA TRP A 558 5.24 -31.63 20.50
C TRP A 558 4.86 -31.26 19.07
N ARG A 559 3.64 -31.61 18.65
CA ARG A 559 3.20 -31.25 17.31
C ARG A 559 3.08 -29.74 17.15
N LEU A 560 2.43 -29.08 18.11
CA LEU A 560 2.34 -27.63 18.12
C LEU A 560 3.72 -26.99 18.08
N MET A 561 4.63 -27.47 18.95
CA MET A 561 5.95 -26.88 19.06
C MET A 561 6.74 -27.07 17.76
N GLY A 562 6.59 -28.23 17.13
CA GLY A 562 7.29 -28.48 15.88
C GLY A 562 6.73 -27.67 14.74
N ILE A 563 5.42 -27.44 14.74
CA ILE A 563 4.81 -26.53 13.77
C ILE A 563 5.47 -25.17 13.87
N ILE A 564 5.59 -24.67 15.11
CA ILE A 564 6.09 -23.32 15.31
C ILE A 564 7.56 -23.24 14.90
N PHE A 565 8.37 -24.24 15.27
CA PHE A 565 9.77 -24.23 14.90
C PHE A 565 9.95 -24.35 13.40
N ALA A 566 9.14 -25.18 12.74
CA ALA A 566 9.25 -25.36 11.30
C ALA A 566 8.93 -24.07 10.56
N THR A 567 7.87 -23.39 10.96
CA THR A 567 7.55 -22.14 10.28
C THR A 567 8.57 -21.06 10.58
N MET A 568 9.15 -21.04 11.79
CA MET A 568 10.22 -20.09 12.06
C MET A 568 11.43 -20.38 11.17
N PHE A 569 11.70 -21.66 10.91
CA PHE A 569 12.75 -22.03 9.97
C PHE A 569 12.45 -21.51 8.57
N PHE A 570 11.22 -21.72 8.08
CA PHE A 570 10.84 -21.21 6.77
C PHE A 570 10.94 -19.69 6.72
N LEU A 571 10.72 -19.03 7.87
CA LEU A 571 10.64 -17.57 7.89
C LEU A 571 12.01 -16.92 7.99
N MET A 572 12.98 -17.59 8.63
CA MET A 572 14.32 -17.03 8.69
C MET A 572 14.98 -17.01 7.31
N PHE A 573 14.57 -17.91 6.42
CA PHE A 573 15.03 -17.86 5.03
C PHE A 573 14.28 -16.82 4.21
N THR A 574 13.09 -16.40 4.66
CA THR A 574 12.32 -15.41 3.92
C THR A 574 13.08 -14.09 3.89
N PRO A 575 13.18 -13.42 2.73
CA PRO A 575 13.93 -12.14 2.70
C PRO A 575 13.26 -11.02 3.48
N THR A 576 11.93 -11.03 3.60
CA THR A 576 11.22 -10.05 4.41
C THR A 576 11.66 -10.15 5.87
N LYS A 577 11.52 -9.04 6.60
CA LYS A 577 11.92 -9.00 7.99
C LYS A 577 11.06 -9.94 8.83
N TRP A 578 11.67 -10.55 9.84
CA TRP A 578 11.02 -11.61 10.59
C TRP A 578 9.85 -11.09 11.43
N ILE A 579 9.99 -9.89 12.00
CA ILE A 579 8.99 -9.40 12.94
C ILE A 579 7.69 -9.04 12.25
N HIS A 580 7.75 -8.68 10.96
CA HIS A 580 6.55 -8.28 10.23
C HIS A 580 5.56 -9.44 10.11
N HIS A 581 6.06 -10.65 9.91
CA HIS A 581 5.23 -11.85 9.83
C HIS A 581 5.17 -12.46 11.24
N PHE A 582 4.23 -11.96 12.04
CA PHE A 582 4.02 -12.47 13.39
C PHE A 582 2.55 -12.74 13.71
N GLY A 583 1.61 -12.30 12.89
CA GLY A 583 0.22 -12.63 13.11
C GLY A 583 -0.12 -14.08 12.83
N LEU A 584 0.84 -14.85 12.32
CA LEU A 584 0.62 -16.27 12.10
C LEU A 584 0.65 -17.05 13.40
N PHE A 585 1.39 -16.56 14.39
CA PHE A 585 1.53 -17.20 15.69
C PHE A 585 0.55 -16.67 16.72
N ALA A 586 -0.63 -16.25 16.28
CA ALA A 586 -1.60 -15.65 17.20
C ALA A 586 -2.32 -16.73 18.01
N ALA A 587 -2.93 -17.68 17.31
CA ALA A 587 -3.71 -18.72 17.98
C ALA A 587 -2.82 -19.85 18.49
N VAL A 588 -1.91 -20.34 17.63
CA VAL A 588 -0.98 -21.37 18.04
C VAL A 588 -0.06 -20.85 19.14
N GLY A 589 0.26 -19.55 19.10
CA GLY A 589 1.05 -18.98 20.17
C GLY A 589 0.27 -18.89 21.47
N GLY A 590 -1.02 -18.60 21.38
CA GLY A 590 -1.85 -18.65 22.57
C GLY A 590 -1.94 -20.05 23.14
N ALA A 591 -1.99 -21.06 22.27
CA ALA A 591 -1.99 -22.44 22.74
C ALA A 591 -0.69 -22.77 23.45
N MET A 592 0.43 -22.37 22.85
CA MET A 592 1.71 -22.63 23.50
C MET A 592 1.85 -21.86 24.80
N ALA A 593 1.19 -20.71 24.91
CA ALA A 593 1.21 -19.98 26.17
C ALA A 593 0.38 -20.70 27.23
N ALA A 594 -0.77 -21.24 26.82
CA ALA A 594 -1.58 -22.03 27.73
C ALA A 594 -0.83 -23.27 28.20
N LEU A 595 0.05 -23.81 27.35
CA LEU A 595 0.88 -24.93 27.77
C LEU A 595 1.99 -24.45 28.69
N ALA A 596 2.59 -23.30 28.40
CA ALA A 596 3.74 -22.83 29.14
C ALA A 596 3.37 -22.38 30.54
N THR A 597 2.15 -21.88 30.72
CA THR A 597 1.74 -21.42 32.05
C THR A 597 1.55 -22.58 33.01
N VAL A 598 1.41 -23.80 32.50
CA VAL A 598 1.28 -24.98 33.34
C VAL A 598 2.65 -25.56 33.67
N LEU A 599 3.58 -25.49 32.72
CA LEU A 599 4.90 -26.08 32.91
C LEU A 599 5.84 -25.20 33.73
N VAL A 600 5.35 -24.05 34.22
CA VAL A 600 6.14 -23.16 35.07
C VAL A 600 5.47 -22.88 36.41
N SER A 601 4.24 -23.37 36.62
CA SER A 601 3.55 -23.12 37.87
C SER A 601 4.22 -23.88 39.01
N PRO A 602 3.86 -23.58 40.26
CA PRO A 602 4.44 -24.33 41.38
C PRO A 602 3.90 -25.75 41.51
N THR A 603 2.84 -26.09 40.77
CA THR A 603 2.31 -27.44 40.83
C THR A 603 3.25 -28.46 40.19
N VAL A 604 4.19 -27.99 39.36
CA VAL A 604 5.17 -28.85 38.73
C VAL A 604 6.60 -28.47 39.10
N LEU A 605 6.93 -27.18 39.12
CA LEU A 605 8.29 -26.71 39.36
C LEU A 605 8.46 -26.48 40.85
N ARG A 606 9.08 -27.43 41.53
CA ARG A 606 9.27 -27.38 42.98
C ARG A 606 10.59 -26.70 43.34
N SER A 607 10.78 -25.50 42.78
CA SER A 607 11.99 -24.73 43.04
C SER A 607 11.68 -23.28 42.69
N ALA A 608 12.06 -22.36 43.58
CA ALA A 608 11.72 -20.96 43.39
C ALA A 608 12.69 -20.24 42.47
N ARG A 609 13.97 -20.63 42.50
CA ARG A 609 14.99 -19.95 41.72
C ARG A 609 14.68 -20.01 40.23
N ASN A 610 14.16 -21.15 39.77
CA ASN A 610 13.81 -21.28 38.36
C ASN A 610 12.65 -20.36 38.00
N ARG A 611 11.70 -20.18 38.94
CA ARG A 611 10.56 -19.31 38.66
C ARG A 611 10.99 -17.85 38.63
N MET A 612 11.90 -17.46 39.53
CA MET A 612 12.43 -16.10 39.48
C MET A 612 13.23 -15.87 38.20
N ALA A 613 13.97 -16.88 37.75
CA ALA A 613 14.66 -16.76 36.47
C ALA A 613 13.68 -16.54 35.34
N PHE A 614 12.55 -17.27 35.37
CA PHE A 614 11.55 -17.11 34.32
C PHE A 614 10.93 -15.72 34.37
N LEU A 615 10.74 -15.19 35.58
CA LEU A 615 10.20 -13.84 35.71
C LEU A 615 11.18 -12.81 35.14
N SER A 616 12.47 -13.00 35.43
CA SER A 616 13.50 -12.14 34.84
C SER A 616 13.44 -12.21 33.32
N LEU A 617 13.20 -13.40 32.77
CA LEU A 617 13.13 -13.55 31.32
C LEU A 617 11.93 -12.78 30.76
N VAL A 618 10.78 -12.90 31.41
CA VAL A 618 9.58 -12.22 30.93
C VAL A 618 9.78 -10.71 30.97
N LEU A 619 10.37 -10.22 32.05
CA LEU A 619 10.54 -8.77 32.19
C LEU A 619 11.58 -8.24 31.20
N PHE A 620 12.67 -9.00 30.98
CA PHE A 620 13.63 -8.66 29.94
C PHE A 620 12.95 -8.57 28.58
N VAL A 621 12.08 -9.53 28.27
CA VAL A 621 11.36 -9.54 27.01
C VAL A 621 10.48 -8.31 26.90
N LEU A 622 9.83 -7.94 28.00
CA LEU A 622 8.93 -6.79 27.97
C LEU A 622 9.70 -5.49 27.76
N ALA A 623 10.90 -5.41 28.33
CA ALA A 623 11.73 -4.24 28.08
C ALA A 623 12.15 -4.18 26.62
N PHE A 624 12.56 -5.33 26.07
CA PHE A 624 12.98 -5.38 24.67
C PHE A 624 11.82 -5.02 23.74
N CYS A 625 10.58 -5.31 24.15
CA CYS A 625 9.42 -4.97 23.33
C CYS A 625 8.95 -3.54 23.54
N PHE A 626 9.25 -2.94 24.70
CA PHE A 626 8.89 -1.55 24.95
C PHE A 626 9.91 -0.58 24.39
N ALA A 627 11.14 -1.02 24.12
CA ALA A 627 12.12 -0.17 23.45
C ALA A 627 11.92 -0.17 21.94
N SER A 628 11.99 -1.36 21.33
CA SER A 628 11.91 -1.50 19.88
C SER A 628 10.46 -1.37 19.42
N THR A 629 10.02 -0.14 19.18
CA THR A 629 8.71 0.11 18.60
C THR A 629 8.79 1.33 17.70
N ASN A 630 8.68 1.11 16.39
CA ASN A 630 8.75 2.23 15.45
C ASN A 630 7.55 3.15 15.59
N GLY A 631 6.43 2.65 16.10
CA GLY A 631 5.23 3.43 16.31
C GLY A 631 4.02 2.79 15.66
N TRP A 632 3.12 3.61 15.14
CA TRP A 632 1.99 3.14 14.35
C TRP A 632 2.13 3.73 12.95
N TRP A 633 1.23 3.33 12.06
CA TRP A 633 1.39 3.55 10.62
C TRP A 633 0.37 4.54 10.06
N TYR A 634 0.76 5.82 10.01
CA TYR A 634 0.27 6.86 9.11
C TYR A 634 -1.13 7.41 9.36
N VAL A 635 -2.00 6.67 10.06
CA VAL A 635 -3.28 7.22 10.49
C VAL A 635 -3.63 6.84 11.91
N SER A 636 -2.94 5.86 12.48
CA SER A 636 -3.12 5.52 13.89
C SER A 636 -2.11 6.26 14.76
N ASN A 637 -1.10 6.87 14.14
CA ASN A 637 -0.05 7.55 14.90
C ASN A 637 -0.38 9.03 15.13
N PHE A 638 -1.54 9.49 14.67
CA PHE A 638 -1.87 10.90 14.77
C PHE A 638 -1.95 11.39 16.22
N GLY A 639 -2.91 10.87 16.97
CA GLY A 639 -3.16 11.36 18.32
C GLY A 639 -2.52 10.51 19.40
N ALA A 640 -1.71 9.52 18.99
CA ALA A 640 -1.06 8.66 19.96
C ALA A 640 -0.11 9.48 20.83
N PRO A 641 0.16 9.02 22.06
CA PRO A 641 0.90 9.88 22.98
C PRO A 641 2.35 10.07 22.60
N PHE A 642 2.99 8.99 22.13
CA PHE A 642 4.40 8.99 21.77
C PHE A 642 4.51 8.82 20.26
N ASN A 643 4.66 9.94 19.55
CA ASN A 643 4.67 9.96 18.10
C ASN A 643 6.08 10.06 17.50
N ASN A 644 7.04 10.62 18.25
CA ASN A 644 8.39 10.85 17.73
C ASN A 644 9.47 10.40 18.70
N SER A 645 9.14 9.57 19.70
CA SER A 645 10.10 9.15 20.70
C SER A 645 9.77 7.73 21.14
N VAL A 646 10.56 7.24 22.08
CA VAL A 646 10.27 5.99 22.79
C VAL A 646 9.54 6.39 24.06
N PRO A 647 8.77 5.50 24.70
CA PRO A 647 8.02 5.89 25.89
C PRO A 647 8.92 6.42 27.00
N LYS A 648 8.42 7.41 27.73
CA LYS A 648 9.18 8.11 28.74
C LYS A 648 8.21 8.72 29.74
N VAL A 649 8.17 8.13 30.94
CA VAL A 649 7.37 8.64 32.04
C VAL A 649 8.30 8.87 33.22
N GLY A 650 8.06 9.95 33.97
CA GLY A 650 8.95 10.34 35.04
C GLY A 650 10.13 11.14 34.53
N GLY A 651 11.32 10.55 34.54
CA GLY A 651 12.51 11.20 34.05
C GLY A 651 13.44 10.30 33.24
N VAL A 652 13.10 9.02 33.12
CA VAL A 652 13.86 8.09 32.29
C VAL A 652 12.86 7.13 31.68
N GLN A 653 13.26 6.50 30.56
CA GLN A 653 12.38 5.62 29.81
C GLN A 653 11.91 4.45 30.66
N ILE A 654 10.84 3.79 30.19
CA ILE A 654 10.21 2.71 30.93
C ILE A 654 10.98 1.41 30.74
N SER A 655 11.64 1.24 29.60
CA SER A 655 12.45 0.06 29.35
C SER A 655 13.54 -0.06 30.41
N ALA A 656 14.08 1.07 30.87
CA ALA A 656 15.05 1.03 31.95
C ALA A 656 14.44 0.47 33.22
N ILE A 657 13.17 0.80 33.47
CA ILE A 657 12.52 0.31 34.69
C ILE A 657 12.29 -1.19 34.59
N PHE A 658 11.95 -1.68 33.40
CA PHE A 658 11.77 -3.12 33.25
C PHE A 658 13.11 -3.86 33.36
N PHE A 659 14.18 -3.31 32.78
CA PHE A 659 15.49 -3.93 32.95
C PHE A 659 15.91 -3.91 34.42
N ALA A 660 15.53 -2.88 35.15
CA ALA A 660 15.89 -2.80 36.57
C ALA A 660 15.11 -3.84 37.38
N LEU A 661 13.80 -3.95 37.14
CA LEU A 661 13.02 -5.00 37.78
C LEU A 661 13.58 -6.37 37.46
N SER A 662 14.04 -6.58 36.22
CA SER A 662 14.68 -7.82 35.85
C SER A 662 15.94 -8.06 36.66
N ALA A 663 16.72 -6.99 36.88
CA ALA A 663 17.95 -7.12 37.67
C ALA A 663 17.64 -7.53 39.10
N ILE A 664 16.63 -6.90 39.70
CA ILE A 664 16.22 -7.28 41.06
C ILE A 664 15.80 -8.75 41.08
N ALA A 665 15.03 -9.17 40.07
CA ALA A 665 14.55 -10.56 40.05
C ALA A 665 15.71 -11.54 39.92
N ALA A 666 16.66 -11.26 39.04
CA ALA A 666 17.79 -12.17 38.85
C ALA A 666 18.67 -12.23 40.09
N LEU A 667 18.90 -11.09 40.73
CA LEU A 667 19.70 -11.10 41.95
C LEU A 667 18.97 -11.80 43.08
N TRP A 668 17.64 -11.72 43.10
CA TRP A 668 16.86 -12.48 44.07
C TRP A 668 16.99 -13.98 43.82
N ALA A 669 16.99 -14.38 42.55
CA ALA A 669 17.20 -15.78 42.22
C ALA A 669 18.58 -16.25 42.67
N PHE A 670 19.60 -15.42 42.46
CA PHE A 670 20.93 -15.76 42.93
C PHE A 670 20.97 -15.90 44.44
N TRP A 671 20.25 -15.04 45.16
CA TRP A 671 20.23 -15.15 46.62
C TRP A 671 19.49 -16.42 47.05
N LEU A 672 18.44 -16.79 46.33
CA LEU A 672 17.75 -18.04 46.64
C LEU A 672 18.67 -19.23 46.41
N HIS A 673 19.46 -19.18 45.34
CA HIS A 673 20.44 -20.23 45.09
C HIS A 673 21.47 -20.31 46.20
N LEU A 674 21.87 -19.16 46.75
CA LEU A 674 22.94 -19.16 47.75
C LEU A 674 22.43 -19.54 49.13
N THR A 675 21.18 -19.17 49.45
CA THR A 675 20.56 -19.60 50.70
C THR A 675 19.90 -20.98 50.57
N ARG A 676 19.86 -21.54 49.36
CA ARG A 676 19.33 -22.90 49.09
C ARG A 676 17.99 -23.15 49.78
N ARG A 677 17.11 -22.15 49.77
CA ARG A 677 15.77 -22.28 50.34
C ARG A 677 14.80 -22.85 49.30
N THR A 678 13.62 -23.24 49.79
CA THR A 678 12.56 -23.76 48.93
C THR A 678 11.20 -23.31 49.46
N GLU A 679 10.25 -23.12 48.53
CA GLU A 679 8.84 -22.92 48.84
C GLU A 679 8.63 -21.72 49.76
N SER A 680 8.96 -20.55 49.22
CA SER A 680 8.67 -19.28 49.87
C SER A 680 7.34 -18.74 49.35
N ARG A 681 6.47 -18.32 50.27
CA ARG A 681 5.11 -17.92 49.90
C ARG A 681 5.09 -16.70 48.98
N VAL A 682 6.04 -15.78 49.14
CA VAL A 682 6.04 -14.56 48.34
C VAL A 682 6.22 -14.90 46.87
N VAL A 683 7.07 -15.88 46.56
CA VAL A 683 7.29 -16.26 45.17
C VAL A 683 6.05 -16.93 44.60
N ASP A 684 5.34 -17.69 45.43
CA ASP A 684 4.10 -18.31 44.98
C ASP A 684 3.00 -17.28 44.78
N ARG A 685 3.11 -16.13 45.43
CA ARG A 685 2.20 -15.02 45.14
C ARG A 685 2.59 -14.28 43.87
N LEU A 686 3.89 -14.08 43.64
CA LEU A 686 4.34 -13.35 42.46
C LEU A 686 4.27 -14.19 41.20
N THR A 687 4.75 -15.44 41.26
CA THR A 687 4.89 -16.29 40.08
C THR A 687 3.68 -17.17 39.86
N ALA A 688 2.50 -16.71 40.28
CA ALA A 688 1.28 -17.46 40.01
C ALA A 688 1.00 -17.52 38.52
N ALA A 689 1.07 -16.38 37.84
CA ALA A 689 0.83 -16.34 36.41
C ALA A 689 1.54 -15.13 35.80
N PRO A 690 2.78 -15.25 35.30
CA PRO A 690 3.45 -14.07 34.72
C PRO A 690 2.97 -13.72 33.32
N ILE A 691 2.72 -14.75 32.51
CA ILE A 691 2.40 -14.52 31.11
C ILE A 691 1.07 -13.79 30.94
N PRO A 692 -0.02 -14.17 31.62
CA PRO A 692 -1.26 -13.40 31.46
C PRO A 692 -1.14 -11.96 31.94
N VAL A 693 -0.35 -11.73 32.99
CA VAL A 693 -0.18 -10.37 33.49
C VAL A 693 0.55 -9.53 32.46
N ALA A 694 1.59 -10.09 31.84
CA ALA A 694 2.33 -9.39 30.79
C ALA A 694 1.42 -9.08 29.60
N ALA A 695 0.65 -10.06 29.17
CA ALA A 695 -0.20 -9.88 28.00
C ALA A 695 -1.29 -8.86 28.27
N GLY A 696 -1.90 -8.91 29.47
CA GLY A 696 -2.86 -7.90 29.85
C GLY A 696 -2.27 -6.51 29.92
N PHE A 697 -1.03 -6.40 30.39
CA PHE A 697 -0.37 -5.11 30.41
C PHE A 697 -0.25 -4.54 29.00
N MET A 698 0.23 -5.36 28.06
CA MET A 698 0.40 -4.86 26.69
C MET A 698 -0.94 -4.55 26.05
N VAL A 699 -1.97 -5.34 26.35
CA VAL A 699 -3.30 -5.11 25.80
C VAL A 699 -3.84 -3.77 26.29
N VAL A 700 -3.76 -3.53 27.61
CA VAL A 700 -4.26 -2.29 28.16
C VAL A 700 -3.47 -1.11 27.61
N VAL A 701 -2.18 -1.31 27.36
CA VAL A 701 -1.35 -0.25 26.78
C VAL A 701 -1.88 0.14 25.41
N MET A 702 -2.11 -0.86 24.55
CA MET A 702 -2.56 -0.57 23.19
C MET A 702 -3.93 0.10 23.20
N MET A 703 -4.85 -0.42 24.00
CA MET A 703 -6.20 0.13 24.04
C MET A 703 -6.19 1.55 24.58
N ALA A 704 -5.34 1.83 25.57
CA ALA A 704 -5.25 3.17 26.11
C ALA A 704 -4.65 4.13 25.11
N SER A 705 -3.65 3.67 24.36
CA SER A 705 -3.07 4.50 23.30
C SER A 705 -4.13 4.90 22.29
N MET A 706 -4.94 3.95 21.86
CA MET A 706 -5.94 4.26 20.84
C MET A 706 -7.03 5.17 21.39
N ALA A 707 -7.50 4.89 22.61
CA ALA A 707 -8.56 5.72 23.18
C ALA A 707 -8.07 7.14 23.44
N ILE A 708 -6.81 7.29 23.84
CA ILE A 708 -6.25 8.63 24.02
C ILE A 708 -6.16 9.32 22.67
N GLY A 709 -5.75 8.60 21.63
CA GLY A 709 -5.72 9.20 20.31
C GLY A 709 -7.07 9.64 19.81
N VAL A 710 -8.13 8.97 20.25
CA VAL A 710 -9.47 9.36 19.85
C VAL A 710 -9.95 10.57 20.64
N VAL A 711 -9.75 10.56 21.96
CA VAL A 711 -10.28 11.62 22.79
C VAL A 711 -9.51 12.91 22.58
N ARG A 712 -8.21 12.81 22.29
CA ARG A 712 -7.40 14.00 22.10
C ARG A 712 -7.62 14.62 20.73
N GLN A 713 -8.18 13.86 19.80
CA GLN A 713 -8.30 14.23 18.40
C GLN A 713 -9.72 14.04 17.89
N TYR A 714 -10.70 14.54 18.65
CA TYR A 714 -12.09 14.11 18.46
C TYR A 714 -12.72 14.67 17.20
N PRO A 715 -12.88 15.98 17.03
CA PRO A 715 -13.71 16.46 15.91
C PRO A 715 -13.07 16.18 14.57
N THR A 716 -11.74 16.17 14.51
CA THR A 716 -11.01 15.84 13.30
C THR A 716 -10.74 14.34 13.29
N TYR A 717 -9.84 13.89 12.43
CA TYR A 717 -9.82 12.49 12.03
C TYR A 717 -9.19 11.59 13.07
N SER A 718 -9.87 10.49 13.34
CA SER A 718 -9.34 9.31 14.01
C SER A 718 -10.05 8.12 13.42
N ASN A 719 -9.38 6.96 13.46
CA ASN A 719 -9.94 5.74 12.86
C ASN A 719 -11.30 5.41 13.47
N GLY A 720 -11.39 5.43 14.78
CA GLY A 720 -12.64 5.05 15.43
C GLY A 720 -13.76 6.04 15.15
N TRP A 721 -13.46 7.33 15.20
CA TRP A 721 -14.48 8.33 14.95
C TRP A 721 -14.99 8.24 13.51
N ALA A 722 -14.08 8.04 12.55
CA ALA A 722 -14.49 7.89 11.16
C ALA A 722 -15.32 6.64 10.96
N ASN A 723 -14.95 5.54 11.62
CA ASN A 723 -15.70 4.30 11.44
C ASN A 723 -17.09 4.41 12.06
N ILE A 724 -17.21 5.11 13.19
CA ILE A 724 -18.52 5.37 13.75
C ILE A 724 -19.32 6.29 12.84
N ARG A 725 -18.64 7.23 12.18
CA ARG A 725 -19.29 8.19 11.30
C ARG A 725 -19.73 7.56 9.98
N ALA A 726 -19.14 6.43 9.60
CA ALA A 726 -19.47 5.80 8.33
C ALA A 726 -20.94 5.38 8.26
N PHE A 727 -21.54 5.07 9.42
CA PHE A 727 -22.95 4.70 9.43
C PHE A 727 -23.87 5.84 9.03
N ALA A 728 -23.38 7.07 9.05
CA ALA A 728 -24.18 8.27 8.83
C ALA A 728 -23.84 8.98 7.53
N GLY A 729 -23.12 8.34 6.63
CA GLY A 729 -22.66 8.97 5.40
C GLY A 729 -21.25 9.49 5.44
N GLY A 730 -20.40 8.94 6.31
CA GLY A 730 -19.04 9.43 6.42
C GLY A 730 -18.18 8.93 5.29
N CYS A 731 -17.08 9.66 5.06
CA CYS A 731 -16.16 9.39 3.96
C CYS A 731 -14.70 9.40 4.41
N GLY A 732 -14.44 9.52 5.70
CA GLY A 732 -13.09 9.37 6.20
C GLY A 732 -12.33 10.68 6.20
N LEU A 733 -11.04 10.59 5.91
CA LEU A 733 -10.14 11.74 5.98
C LEU A 733 -10.55 12.85 5.04
N ALA A 734 -11.31 12.52 3.99
CA ALA A 734 -11.77 13.54 3.05
C ALA A 734 -12.73 14.52 3.70
N ASP A 735 -13.48 14.06 4.71
CA ASP A 735 -14.42 14.96 5.37
C ASP A 735 -13.70 16.04 6.18
N ASP A 736 -12.54 15.71 6.73
CA ASP A 736 -11.79 16.63 7.56
C ASP A 736 -10.80 17.48 6.77
N VAL A 737 -10.15 16.89 5.78
CA VAL A 737 -9.16 17.62 4.99
C VAL A 737 -9.84 18.74 4.22
N LEU A 738 -9.16 19.88 4.12
CA LEU A 738 -9.65 21.04 3.41
C LEU A 738 -8.62 21.44 2.36
N VAL A 739 -9.08 22.07 1.29
CA VAL A 739 -8.24 22.42 0.17
C VAL A 739 -8.79 23.70 -0.46
N GLU A 740 -7.87 24.48 -1.05
CA GLU A 740 -8.23 25.70 -1.77
C GLU A 740 -8.38 25.33 -3.24
N PRO A 741 -9.56 25.46 -3.85
CA PRO A 741 -9.65 25.23 -5.29
C PRO A 741 -8.82 26.21 -6.10
N ASP A 742 -8.88 27.48 -5.70
CA ASP A 742 -8.09 28.55 -6.29
C ASP A 742 -7.27 29.18 -5.17
N SER A 743 -5.95 29.04 -5.24
CA SER A 743 -5.07 29.49 -4.18
C SER A 743 -4.83 30.99 -4.18
N ASN A 744 -5.53 31.75 -5.02
CA ASN A 744 -5.51 33.21 -4.98
C ASN A 744 -6.97 33.67 -4.96
N ALA A 745 -7.56 33.69 -3.76
CA ALA A 745 -8.95 34.06 -3.58
C ALA A 745 -9.20 34.99 -2.41
N GLY A 746 -8.32 35.03 -1.41
CA GLY A 746 -8.55 35.74 -0.18
C GLY A 746 -7.46 36.72 0.19
N PHE A 747 -6.73 37.21 -0.81
CA PHE A 747 -5.69 38.19 -0.55
C PHE A 747 -6.29 39.46 0.03
N LEU A 748 -5.69 39.95 1.10
CA LEU A 748 -6.26 41.05 1.86
C LEU A 748 -5.83 42.39 1.26
N THR A 749 -6.69 43.39 1.43
CA THR A 749 -6.51 44.65 0.72
C THR A 749 -5.53 45.54 1.48
N PRO A 750 -4.49 46.09 0.84
CA PRO A 750 -3.58 46.97 1.56
C PRO A 750 -4.19 48.34 1.84
N LEU A 751 -3.99 48.81 3.06
CA LEU A 751 -4.43 50.14 3.42
C LEU A 751 -3.63 51.20 2.67
N PRO A 752 -4.09 52.45 2.67
CA PRO A 752 -3.34 53.49 1.95
C PRO A 752 -2.03 53.81 2.63
N GLY A 753 -1.04 54.18 1.81
CA GLY A 753 0.26 54.56 2.33
C GLY A 753 1.26 54.87 1.24
N ALA A 754 2.26 55.69 1.58
CA ALA A 754 3.39 55.97 0.70
C ALA A 754 4.41 54.86 0.86
N TYR A 755 4.73 54.18 -0.24
CA TYR A 755 5.53 52.97 -0.21
C TYR A 755 6.60 53.05 -1.29
N GLY A 756 7.45 52.03 -1.32
CA GLY A 756 8.62 52.01 -2.16
C GLY A 756 8.52 51.00 -3.28
N PRO A 757 9.66 50.65 -3.91
CA PRO A 757 9.61 49.69 -5.02
C PRO A 757 9.22 48.29 -4.61
N LEU A 758 9.46 47.91 -3.36
CA LEU A 758 8.97 46.63 -2.85
C LEU A 758 7.45 46.57 -2.79
N GLY A 759 6.78 47.71 -2.77
CA GLY A 759 5.33 47.75 -2.72
C GLY A 759 4.82 47.80 -1.30
N PRO A 760 3.54 47.46 -1.11
CA PRO A 760 2.98 47.43 0.25
C PRO A 760 3.54 46.35 1.16
N LEU A 761 4.41 45.47 0.68
CA LEU A 761 4.85 44.33 1.49
C LEU A 761 6.00 44.68 2.41
N GLY A 762 6.94 45.52 1.98
CA GLY A 762 8.06 45.87 2.83
C GLY A 762 7.71 46.92 3.87
N GLY A 763 7.46 48.14 3.41
CA GLY A 763 6.82 49.16 4.20
C GLY A 763 7.76 50.14 4.87
N GLU A 764 8.01 51.26 4.21
CA GLU A 764 8.48 52.51 4.81
C GLU A 764 9.91 52.51 5.34
N ASP A 765 10.55 51.34 5.50
CA ASP A 765 11.98 51.24 5.74
C ASP A 765 12.44 49.80 5.56
N PRO A 766 12.32 49.22 4.37
CA PRO A 766 12.75 47.83 4.19
C PRO A 766 14.25 47.76 3.97
N GLN A 767 14.90 46.86 4.71
CA GLN A 767 16.36 46.78 4.75
C GLN A 767 16.77 45.33 4.52
N GLY A 768 17.56 45.10 3.47
CA GLY A 768 18.08 43.78 3.19
C GLY A 768 17.16 42.86 2.43
N PHE A 769 15.96 43.31 2.09
CA PHE A 769 15.01 42.53 1.32
C PHE A 769 14.95 43.07 -0.11
N SER A 770 15.01 42.16 -1.07
CA SER A 770 15.00 42.48 -2.49
C SER A 770 13.98 41.61 -3.21
N PRO A 771 13.32 42.12 -4.24
CA PRO A 771 12.20 41.36 -4.84
C PRO A 771 12.62 40.07 -5.52
N ASP A 772 13.79 40.05 -6.17
CA ASP A 772 14.31 38.84 -6.79
C ASP A 772 15.28 38.11 -5.87
N GLY A 773 15.06 38.23 -4.56
CA GLY A 773 15.93 37.63 -3.57
C GLY A 773 15.54 36.23 -3.20
N VAL A 774 15.58 35.33 -4.17
CA VAL A 774 15.36 33.90 -3.93
C VAL A 774 16.31 33.11 -4.81
N PRO A 775 16.79 31.96 -4.33
CA PRO A 775 17.68 31.14 -5.15
C PRO A 775 17.01 30.69 -6.45
N ASP A 776 17.83 30.03 -7.28
CA ASP A 776 17.40 29.69 -8.63
C ASP A 776 16.22 28.73 -8.61
N ARG A 777 16.39 27.56 -7.97
CA ARG A 777 15.45 26.46 -8.07
C ARG A 777 14.90 26.12 -6.69
N ILE A 778 13.83 26.80 -6.30
CA ILE A 778 13.08 26.54 -5.08
C ILE A 778 11.64 26.30 -5.50
N ILE A 779 11.02 25.26 -4.97
CA ILE A 779 9.73 24.77 -5.45
C ILE A 779 8.89 24.31 -4.26
N ALA A 780 7.69 23.85 -4.57
CA ALA A 780 6.68 23.52 -3.56
C ALA A 780 6.90 22.12 -3.03
N GLU A 781 7.17 22.01 -1.74
CA GLU A 781 7.27 20.74 -1.03
C GLU A 781 8.24 19.77 -1.71
N ALA A 782 9.46 20.23 -1.92
CA ALA A 782 10.48 19.44 -2.59
C ALA A 782 11.80 20.20 -2.50
N ILE A 783 12.88 19.53 -2.89
CA ILE A 783 14.23 20.05 -2.71
C ILE A 783 14.96 20.23 -4.04
N ARG A 784 14.54 19.55 -5.11
CA ARG A 784 15.14 19.70 -6.43
C ARG A 784 16.63 19.35 -6.40
N LEU A 785 16.87 18.07 -6.17
CA LEU A 785 18.20 17.51 -6.36
C LEU A 785 18.58 17.63 -7.83
N ASN A 786 19.89 17.77 -8.07
CA ASN A 786 20.39 17.95 -9.43
C ASN A 786 20.06 16.74 -10.30
N ASN A 787 20.05 15.52 -9.72
CA ASN A 787 19.68 14.32 -10.46
C ASN A 787 18.20 13.99 -10.24
N PRO A 788 17.47 13.57 -11.27
CA PRO A 788 16.01 13.49 -11.13
C PRO A 788 15.57 12.32 -10.28
N GLN A 789 14.28 12.31 -10.00
CA GLN A 789 13.62 11.29 -9.20
C GLN A 789 12.26 11.02 -9.83
N PRO A 790 11.56 9.97 -9.41
CA PRO A 790 10.25 9.70 -9.97
C PRO A 790 9.13 10.44 -9.27
N GLY A 791 8.03 10.62 -9.99
CA GLY A 791 6.81 11.15 -9.41
C GLY A 791 6.89 12.61 -9.01
N THR A 792 7.58 13.41 -9.81
CA THR A 792 7.84 14.80 -9.49
C THR A 792 6.99 15.73 -10.33
N ASP A 793 6.74 16.91 -9.78
CA ASP A 793 5.87 17.89 -10.41
C ASP A 793 6.57 18.54 -11.60
N TYR A 794 5.82 19.42 -12.28
CA TYR A 794 6.35 20.18 -13.40
C TYR A 794 7.30 21.28 -12.96
N ASP A 795 7.29 21.65 -11.68
CA ASP A 795 8.12 22.76 -11.21
C ASP A 795 9.59 22.45 -11.27
N TRP A 796 9.98 21.17 -11.31
CA TRP A 796 11.39 20.82 -11.32
C TRP A 796 12.07 21.31 -12.59
N ASN A 797 11.50 20.96 -13.74
CA ASN A 797 12.12 21.20 -15.04
C ASN A 797 11.75 22.55 -15.63
N ARG A 798 10.99 23.38 -14.91
CA ARG A 798 10.69 24.72 -15.36
C ARG A 798 11.97 25.54 -15.50
N PRO A 799 11.94 26.68 -16.17
CA PRO A 799 13.13 27.53 -16.22
C PRO A 799 13.44 28.10 -14.85
N ILE A 800 14.56 28.83 -14.79
CA ILE A 800 14.97 29.48 -13.55
C ILE A 800 14.26 30.81 -13.39
N LYS A 801 14.08 31.53 -14.48
CA LYS A 801 13.50 32.88 -14.50
C LYS A 801 12.29 32.91 -15.41
N LEU A 802 11.42 33.90 -15.16
CA LEU A 802 10.25 34.10 -15.99
C LEU A 802 10.57 35.09 -17.11
N ASP A 803 9.70 35.09 -18.12
CA ASP A 803 9.92 35.95 -19.29
C ASP A 803 9.38 37.35 -19.05
N GLU A 804 8.31 37.47 -18.25
CA GLU A 804 7.70 38.74 -17.89
C GLU A 804 7.73 38.90 -16.38
N PRO A 805 8.13 40.06 -15.85
CA PRO A 805 8.17 40.20 -14.39
C PRO A 805 6.79 40.49 -13.80
N GLY A 806 6.72 40.38 -12.48
CA GLY A 806 5.49 40.64 -11.75
C GLY A 806 5.24 42.10 -11.51
N ILE A 807 4.45 42.39 -10.46
CA ILE A 807 4.14 43.78 -10.12
C ILE A 807 5.43 44.51 -9.75
N ASN A 808 6.06 44.06 -8.68
CA ASN A 808 7.42 44.47 -8.38
C ASN A 808 8.40 43.70 -9.27
N GLY A 809 9.64 44.16 -9.31
CA GLY A 809 10.59 43.60 -10.24
C GLY A 809 11.06 42.22 -9.85
N SER A 810 10.16 41.24 -9.94
CA SER A 810 10.43 39.86 -9.57
C SER A 810 10.50 39.01 -10.83
N THR A 811 11.17 37.86 -10.71
CA THR A 811 11.29 36.89 -11.78
C THR A 811 11.15 35.45 -11.26
N VAL A 812 10.75 35.28 -10.00
CA VAL A 812 10.75 33.97 -9.37
C VAL A 812 9.46 33.23 -9.75
N PRO A 813 9.51 31.96 -10.11
CA PRO A 813 8.27 31.18 -10.21
C PRO A 813 7.60 31.08 -8.85
N LEU A 814 6.29 30.76 -8.89
CA LEU A 814 5.46 30.69 -7.70
C LEU A 814 4.73 29.36 -7.62
N PRO A 815 4.57 28.82 -6.41
CA PRO A 815 4.22 27.40 -6.25
C PRO A 815 2.81 26.97 -6.64
N TYR A 816 1.81 27.62 -6.05
CA TYR A 816 0.46 27.08 -5.95
C TYR A 816 -0.50 27.72 -6.95
N GLY A 817 -0.03 27.98 -8.16
CA GLY A 817 -0.86 28.64 -9.13
C GLY A 817 -0.98 30.13 -8.94
N LEU A 818 -0.15 30.71 -8.10
CA LEU A 818 -0.21 32.15 -7.84
C LEU A 818 0.21 32.91 -9.09
N ASP A 819 -0.60 33.87 -9.49
CA ASP A 819 -0.32 34.67 -10.66
C ASP A 819 0.64 35.78 -10.29
N PRO A 820 1.87 35.84 -10.84
CA PRO A 820 2.78 36.92 -10.46
C PRO A 820 2.32 38.32 -10.82
N LYS A 821 1.28 38.46 -11.64
CA LYS A 821 0.67 39.75 -11.90
C LYS A 821 -0.26 40.21 -10.77
N ARG A 822 -0.40 39.42 -9.70
CA ARG A 822 -1.25 39.78 -8.58
C ARG A 822 -0.59 39.52 -7.23
N VAL A 823 0.58 38.87 -7.18
CA VAL A 823 1.19 38.41 -5.94
C VAL A 823 2.64 38.88 -5.93
N PRO A 824 3.04 39.80 -5.05
CA PRO A 824 4.45 40.17 -4.95
C PRO A 824 5.23 39.20 -4.08
N VAL A 825 6.54 39.37 -4.10
CA VAL A 825 7.46 38.57 -3.29
C VAL A 825 8.55 39.48 -2.75
N ALA A 826 9.08 39.09 -1.60
CA ALA A 826 10.21 39.79 -1.00
C ALA A 826 11.11 38.76 -0.32
N GLY A 827 12.42 38.86 -0.57
CA GLY A 827 13.37 37.92 -0.03
C GLY A 827 14.71 38.59 0.16
N THR A 828 15.60 37.89 0.86
CA THR A 828 16.86 38.45 1.33
C THR A 828 18.10 37.69 0.90
N TYR A 829 17.96 36.59 0.16
CA TYR A 829 19.11 35.85 -0.33
C TYR A 829 19.96 36.75 -1.23
N SER A 830 21.27 36.63 -1.09
CA SER A 830 22.21 37.45 -1.83
C SER A 830 23.46 36.62 -2.13
N THR A 831 24.37 37.20 -2.90
CA THR A 831 25.57 36.53 -3.33
C THR A 831 26.85 37.36 -3.23
N GLU A 832 26.76 38.66 -2.99
CA GLU A 832 27.93 39.53 -2.94
C GLU A 832 28.35 39.87 -1.52
N ALA A 833 27.41 40.11 -0.62
CA ALA A 833 27.71 40.40 0.77
C ALA A 833 26.39 40.45 1.53
N GLN A 834 26.45 40.06 2.80
CA GLN A 834 25.26 39.83 3.61
C GLN A 834 25.09 40.94 4.65
N GLN A 835 23.89 41.02 5.21
CA GLN A 835 23.58 42.02 6.21
C GLN A 835 22.33 41.58 6.98
N GLU A 836 22.16 42.18 8.15
CA GLU A 836 20.97 41.93 8.96
C GLU A 836 19.76 42.59 8.31
N SER A 837 18.66 41.84 8.21
CA SER A 837 17.50 42.25 7.41
C SER A 837 16.23 42.32 8.26
N ARG A 838 15.42 43.34 7.98
CA ARG A 838 14.16 43.57 8.65
C ARG A 838 13.03 43.67 7.63
N LEU A 839 11.80 43.46 8.09
CA LEU A 839 10.63 43.78 7.31
C LEU A 839 9.42 43.89 8.22
N SER A 840 8.65 44.95 8.01
CA SER A 840 7.41 45.21 8.75
C SER A 840 6.41 45.81 7.77
N SER A 841 5.47 45.00 7.31
CA SER A 841 4.63 45.36 6.18
C SER A 841 3.57 46.38 6.59
N ALA A 842 2.68 46.66 5.65
CA ALA A 842 1.55 47.54 5.90
C ALA A 842 0.41 46.78 6.57
N TRP A 843 -0.44 47.53 7.26
CA TRP A 843 -1.58 46.93 7.93
C TRP A 843 -2.61 46.47 6.90
N TYR A 844 -2.77 45.15 6.78
CA TYR A 844 -3.71 44.55 5.85
C TYR A 844 -5.07 44.42 6.52
N GLU A 845 -6.05 45.13 5.98
CA GLU A 845 -7.38 45.18 6.57
C GLU A 845 -8.01 43.79 6.56
N LEU A 846 -8.29 43.26 7.76
CA LEU A 846 -9.01 42.00 7.87
C LEU A 846 -10.42 42.17 7.28
N PRO A 847 -11.06 41.07 6.85
CA PRO A 847 -12.25 41.20 5.99
C PRO A 847 -13.42 41.93 6.64
N ALA A 848 -13.88 41.41 7.76
CA ALA A 848 -15.09 41.92 8.40
C ALA A 848 -15.31 41.21 9.72
N ARG A 849 -16.38 41.56 10.43
CA ARG A 849 -16.75 40.94 11.70
C ARG A 849 -18.08 40.24 11.48
N ASP A 850 -18.02 38.92 11.27
CA ASP A 850 -19.20 38.09 11.11
C ASP A 850 -18.89 36.72 11.69
N GLU A 851 -19.93 35.93 11.93
CA GLU A 851 -19.78 34.67 12.66
C GLU A 851 -19.71 33.48 11.72
N THR A 852 -20.60 33.40 10.74
CA THR A 852 -20.56 32.29 9.79
C THR A 852 -19.29 32.34 8.95
N GLU A 853 -18.93 33.53 8.46
CA GLU A 853 -17.68 33.70 7.74
C GLU A 853 -16.49 33.34 8.62
N ARG A 854 -16.55 33.76 9.90
CA ARG A 854 -15.47 33.46 10.83
C ARG A 854 -15.37 31.96 11.08
N ALA A 855 -16.48 31.23 10.93
CA ALA A 855 -16.45 29.79 11.14
C ALA A 855 -15.89 29.07 9.92
N ALA A 856 -16.25 29.54 8.72
CA ALA A 856 -15.77 28.90 7.51
C ALA A 856 -14.32 29.25 7.19
N HIS A 857 -13.80 30.34 7.77
CA HIS A 857 -12.45 30.83 7.51
C HIS A 857 -11.60 30.70 8.76
N PRO A 858 -10.96 29.56 9.01
CA PRO A 858 -10.22 29.36 10.26
C PRO A 858 -8.74 29.72 10.23
N LEU A 859 -8.25 30.38 9.17
CA LEU A 859 -6.82 30.49 8.95
C LEU A 859 -6.45 31.83 8.35
N VAL A 860 -5.18 32.19 8.52
CA VAL A 860 -4.48 33.18 7.72
C VAL A 860 -3.16 32.55 7.34
N VAL A 861 -2.88 32.48 6.04
CA VAL A 861 -1.80 31.67 5.51
C VAL A 861 -0.82 32.57 4.78
N ILE A 862 0.47 32.29 4.95
CA ILE A 862 1.55 33.02 4.29
C ILE A 862 2.44 32.02 3.60
N THR A 863 2.60 32.14 2.30
CA THR A 863 3.55 31.30 1.57
C THR A 863 4.95 31.85 1.80
N ALA A 864 5.86 30.97 2.20
CA ALA A 864 7.22 31.43 2.48
C ALA A 864 8.20 30.30 2.22
N ALA A 865 9.44 30.69 1.95
CA ALA A 865 10.54 29.76 1.73
C ALA A 865 11.77 30.24 2.48
N GLY A 866 12.35 29.34 3.26
CA GLY A 866 13.52 29.66 4.06
C GLY A 866 13.54 28.84 5.31
N THR A 867 14.44 29.23 6.21
CA THR A 867 14.59 28.60 7.52
C THR A 867 13.73 29.41 8.50
N ILE A 868 12.53 28.91 8.75
CA ILE A 868 11.52 29.61 9.52
C ILE A 868 11.14 28.75 10.72
N THR A 869 10.92 29.41 11.85
CA THR A 869 10.57 28.73 13.08
C THR A 869 9.06 28.61 13.21
N GLY A 870 8.62 27.46 13.72
CA GLY A 870 7.21 27.20 13.87
C GLY A 870 6.90 25.84 14.44
N GLU A 871 5.82 25.75 15.20
CA GLU A 871 5.44 24.50 15.82
C GLU A 871 5.11 23.44 14.77
N SER A 872 5.01 22.21 15.22
CA SER A 872 4.69 21.07 14.38
C SER A 872 4.40 19.89 15.30
N VAL A 873 4.22 18.72 14.71
CA VAL A 873 3.95 17.48 15.44
C VAL A 873 5.13 16.53 15.35
N ALA A 874 5.66 16.31 14.14
CA ALA A 874 6.76 15.38 13.97
C ALA A 874 8.03 15.90 14.62
N ASN A 875 8.27 17.21 14.54
CA ASN A 875 9.47 17.82 15.10
C ASN A 875 9.11 19.23 15.57
N GLY A 876 8.80 19.35 16.85
CA GLY A 876 8.36 20.62 17.39
C GLY A 876 9.50 21.54 17.76
N LEU A 877 9.19 22.83 17.76
CA LEU A 877 10.17 23.88 18.02
C LEU A 877 11.35 23.76 17.04
N THR A 878 11.04 23.93 15.77
CA THR A 878 12.06 23.99 14.74
C THR A 878 12.76 25.33 14.83
N THR A 879 14.06 25.29 15.12
CA THR A 879 14.82 26.51 15.34
C THR A 879 15.15 27.18 14.01
N GLY A 880 15.24 28.49 14.03
CA GLY A 880 15.49 29.25 12.81
C GLY A 880 15.21 30.71 12.99
N GLN A 881 14.73 31.35 11.93
CA GLN A 881 14.47 32.78 11.94
C GLN A 881 12.98 33.06 12.07
N THR A 882 12.66 34.33 12.29
CA THR A 882 11.33 34.75 12.73
C THR A 882 10.54 35.35 11.58
N VAL A 883 9.42 34.71 11.26
CA VAL A 883 8.38 35.26 10.39
C VAL A 883 7.09 35.14 11.20
N ASP A 884 6.62 36.26 11.76
CA ASP A 884 5.49 36.30 12.66
C ASP A 884 4.40 37.19 12.10
N LEU A 885 3.19 37.02 12.65
CA LEU A 885 2.02 37.77 12.21
C LEU A 885 1.55 38.67 13.35
N GLU A 886 1.70 39.98 13.19
CA GLU A 886 1.38 40.95 14.22
C GLU A 886 0.02 41.56 13.96
N TYR A 887 -0.88 41.50 14.93
CA TYR A 887 -2.24 41.98 14.78
C TYR A 887 -2.44 43.29 15.53
N ALA A 888 -3.57 43.94 15.24
CA ALA A 888 -3.82 45.30 15.71
C ALA A 888 -5.19 45.41 16.38
N THR A 889 -5.39 46.55 17.03
CA THR A 889 -6.67 46.94 17.61
C THR A 889 -6.86 48.44 17.38
N ARG A 890 -7.99 48.80 16.79
CA ARG A 890 -8.20 50.19 16.38
C ARG A 890 -8.42 51.05 17.61
N GLY A 891 -7.60 52.09 17.77
CA GLY A 891 -7.69 52.96 18.90
C GLY A 891 -8.89 53.89 18.81
N PRO A 892 -9.01 54.78 19.79
CA PRO A 892 -10.13 55.73 19.78
C PRO A 892 -9.94 56.91 18.83
N ASP A 893 -8.70 57.19 18.41
CA ASP A 893 -8.40 58.28 17.49
C ASP A 893 -8.64 57.91 16.03
N GLY A 894 -9.23 56.74 15.76
CA GLY A 894 -9.34 56.27 14.40
C GLY A 894 -8.04 55.79 13.80
N THR A 895 -7.06 55.45 14.64
CA THR A 895 -5.72 55.09 14.20
C THR A 895 -5.34 53.74 14.79
N LEU A 896 -4.33 53.12 14.20
CA LEU A 896 -3.88 51.79 14.54
C LEU A 896 -2.90 51.83 15.71
N VAL A 897 -2.82 50.70 16.42
CA VAL A 897 -1.81 50.50 17.44
C VAL A 897 -1.71 49.00 17.69
N PRO A 898 -0.51 48.42 17.77
CA PRO A 898 -0.43 46.95 17.80
C PRO A 898 -0.72 46.39 19.19
N ALA A 899 -1.04 45.09 19.20
CA ALA A 899 -1.28 44.33 20.41
C ALA A 899 -0.26 43.22 20.63
N GLY A 900 -0.10 42.33 19.66
CA GLY A 900 0.81 41.21 19.82
C GLY A 900 1.02 40.48 18.52
N ARG A 901 1.65 39.32 18.65
CA ARG A 901 2.09 38.51 17.53
C ARG A 901 1.53 37.11 17.62
N VAL A 902 1.63 36.41 16.50
CA VAL A 902 1.23 35.01 16.39
C VAL A 902 2.34 34.28 15.64
N THR A 903 2.71 33.11 16.15
CA THR A 903 3.74 32.20 15.73
C THR A 903 3.14 31.06 14.91
N PRO A 904 3.76 30.59 13.83
CA PRO A 904 3.07 29.70 12.91
C PRO A 904 3.19 28.22 13.24
N TYR A 905 2.50 27.42 12.42
CA TYR A 905 2.66 25.97 12.37
C TYR A 905 3.28 25.66 11.02
N ASP A 906 4.60 25.51 10.99
CA ASP A 906 5.35 25.32 9.74
C ASP A 906 5.68 23.84 9.59
N VAL A 907 4.82 23.12 8.88
CA VAL A 907 5.09 21.76 8.45
C VAL A 907 5.47 21.80 6.98
N GLY A 908 6.46 21.00 6.61
CA GLY A 908 6.88 20.87 5.24
C GLY A 908 8.38 20.93 5.11
N PRO A 909 8.91 20.48 3.96
CA PRO A 909 10.36 20.43 3.81
C PRO A 909 10.96 21.83 3.75
N THR A 910 12.07 22.00 4.45
CA THR A 910 12.87 23.20 4.40
C THR A 910 13.91 23.05 3.30
N PRO A 911 14.19 24.11 2.53
CA PRO A 911 13.72 25.50 2.47
C PRO A 911 12.67 25.74 1.38
N SER A 912 11.67 24.87 1.31
CA SER A 912 10.73 24.91 0.21
C SER A 912 9.72 26.03 0.36
N TRP A 913 9.03 26.32 -0.74
CA TRP A 913 7.82 27.13 -0.68
C TRP A 913 6.76 26.34 0.08
N ARG A 914 6.38 26.84 1.25
CA ARG A 914 5.42 26.15 2.08
C ARG A 914 4.52 27.16 2.76
N ASN A 915 3.31 26.70 3.07
CA ASN A 915 2.34 27.55 3.74
C ASN A 915 2.59 27.58 5.23
N LEU A 916 2.60 28.79 5.79
CA LEU A 916 2.70 29.02 7.22
C LEU A 916 1.33 29.41 7.73
N ARG A 917 0.86 28.68 8.74
CA ARG A 917 -0.51 28.72 9.21
C ARG A 917 -0.59 29.58 10.46
N TYR A 918 -1.54 30.51 10.47
CA TYR A 918 -1.78 31.38 11.62
C TYR A 918 -3.27 31.29 11.94
N PRO A 919 -3.66 30.57 13.00
CA PRO A 919 -5.10 30.43 13.27
C PRO A 919 -5.74 31.75 13.67
N ARG A 920 -7.05 31.83 13.45
CA ARG A 920 -7.84 32.97 13.89
C ARG A 920 -8.40 32.79 15.29
N SER A 921 -8.26 31.61 15.89
CA SER A 921 -8.65 31.44 17.28
C SER A 921 -7.68 32.16 18.21
N GLU A 922 -6.40 32.18 17.86
CA GLU A 922 -5.39 32.85 18.65
C GLU A 922 -5.41 34.37 18.49
N ILE A 923 -6.27 34.90 17.64
CA ILE A 923 -6.39 36.34 17.43
C ILE A 923 -7.60 36.83 18.22
N PRO A 924 -7.54 37.99 18.88
CA PRO A 924 -8.76 38.50 19.53
C PRO A 924 -9.78 38.97 18.51
N ASP A 925 -11.05 38.86 18.88
CA ASP A 925 -12.12 39.36 18.03
C ASP A 925 -12.13 40.89 17.91
N ASP A 926 -11.30 41.58 18.69
CA ASP A 926 -11.07 43.01 18.50
C ASP A 926 -10.08 43.29 17.37
N ALA A 927 -9.63 42.27 16.65
CA ALA A 927 -8.69 42.47 15.57
C ALA A 927 -9.37 43.06 14.33
N VAL A 928 -8.71 44.04 13.73
CA VAL A 928 -9.19 44.70 12.52
C VAL A 928 -8.14 44.66 11.43
N ALA A 929 -6.87 44.50 11.80
CA ALA A 929 -5.78 44.60 10.85
C ALA A 929 -4.61 43.74 11.31
N VAL A 930 -3.73 43.45 10.36
CA VAL A 930 -2.71 42.42 10.53
C VAL A 930 -1.57 42.75 9.57
N ARG A 931 -0.35 42.45 10.02
CA ARG A 931 0.83 42.67 9.19
C ARG A 931 1.84 41.57 9.42
N VAL A 932 2.82 41.52 8.54
CA VAL A 932 3.92 40.57 8.61
C VAL A 932 5.10 41.25 9.31
N VAL A 933 5.81 40.49 10.13
CA VAL A 933 7.02 40.96 10.79
C VAL A 933 8.07 39.89 10.60
N ALA A 934 9.14 40.21 9.87
CA ALA A 934 10.16 39.25 9.50
C ALA A 934 11.52 39.81 9.88
N GLU A 935 12.37 38.95 10.46
CA GLU A 935 13.72 39.33 10.85
C GLU A 935 14.68 38.25 10.39
N ASP A 936 15.84 38.68 9.86
CA ASP A 936 16.92 37.79 9.48
C ASP A 936 18.19 38.31 10.15
N LEU A 937 18.64 37.60 11.18
CA LEU A 937 19.80 37.96 11.99
C LEU A 937 20.93 36.96 11.78
N SER A 938 21.10 36.49 10.55
CA SER A 938 22.10 35.49 10.21
C SER A 938 22.80 35.88 8.93
N LEU A 939 24.13 36.00 9.00
CA LEU A 939 24.95 36.40 7.87
C LEU A 939 25.49 35.22 7.09
N SER A 940 25.03 34.00 7.37
CA SER A 940 25.38 32.85 6.56
C SER A 940 24.53 32.79 5.31
N GLN A 941 25.13 32.36 4.21
CA GLN A 941 24.48 32.40 2.90
C GLN A 941 23.36 31.37 2.75
N GLY A 942 23.15 30.51 3.74
CA GLY A 942 22.11 29.51 3.70
C GLY A 942 20.93 29.75 4.61
N ASP A 943 21.02 30.76 5.48
CA ASP A 943 19.91 31.18 6.34
C ASP A 943 19.23 32.36 5.67
N TRP A 944 18.20 32.08 4.87
CA TRP A 944 17.55 33.08 4.05
C TRP A 944 16.03 32.96 4.23
N ILE A 945 15.34 34.05 3.91
CA ILE A 945 13.92 34.21 4.17
C ILE A 945 13.27 34.78 2.92
N ALA A 946 12.08 34.29 2.60
CA ALA A 946 11.28 34.87 1.52
C ALA A 946 9.82 34.68 1.86
N VAL A 947 9.02 35.74 1.70
CA VAL A 947 7.64 35.78 2.14
C VAL A 947 6.75 36.40 1.06
N THR A 948 5.46 36.13 1.17
CA THR A 948 4.41 36.72 0.35
C THR A 948 3.38 37.35 1.28
N PRO A 949 2.43 38.11 0.74
CA PRO A 949 1.37 38.64 1.58
C PRO A 949 0.46 37.53 2.05
N PRO A 950 -0.38 37.79 3.05
CA PRO A 950 -1.24 36.75 3.59
C PRO A 950 -2.55 36.63 2.83
N ARG A 951 -3.35 35.65 3.23
CA ARG A 951 -4.65 35.45 2.63
C ARG A 951 -5.53 34.66 3.60
N VAL A 952 -6.79 35.08 3.70
CA VAL A 952 -7.81 34.32 4.41
C VAL A 952 -8.44 33.39 3.38
N PRO A 953 -8.04 32.11 3.30
CA PRO A 953 -8.42 31.31 2.14
C PRO A 953 -9.90 30.98 2.10
N GLU A 954 -10.35 30.66 0.89
CA GLU A 954 -11.69 30.15 0.63
C GLU A 954 -11.57 28.65 0.42
N LEU A 955 -11.76 27.89 1.50
CA LEU A 955 -11.52 26.45 1.51
C LEU A 955 -12.80 25.67 1.24
N GLN A 956 -12.61 24.40 0.92
CA GLN A 956 -13.68 23.42 1.01
C GLN A 956 -13.08 22.04 1.04
N SER A 957 -13.90 21.06 1.40
CA SER A 957 -13.40 19.73 1.68
C SER A 957 -12.96 19.03 0.40
N VAL A 958 -12.34 17.86 0.58
CA VAL A 958 -11.89 17.07 -0.56
C VAL A 958 -13.07 16.34 -1.20
N GLN A 959 -14.03 15.92 -0.38
CA GLN A 959 -15.20 15.23 -0.93
C GLN A 959 -16.14 16.19 -1.64
N GLU A 960 -16.02 17.48 -1.36
CA GLU A 960 -16.88 18.48 -2.00
C GLU A 960 -16.29 18.95 -3.32
N TYR A 961 -14.99 18.74 -3.54
CA TYR A 961 -14.30 19.17 -4.75
C TYR A 961 -14.01 17.99 -5.69
N VAL A 962 -13.37 16.94 -5.18
CA VAL A 962 -13.02 15.79 -6.01
C VAL A 962 -14.26 14.99 -6.34
N GLY A 963 -15.06 14.66 -5.34
CA GLY A 963 -16.26 13.88 -5.55
C GLY A 963 -15.96 12.38 -5.52
N SER A 964 -16.90 11.62 -6.08
CA SER A 964 -16.82 10.16 -6.12
C SER A 964 -17.05 9.65 -7.54
N ASP A 965 -16.72 10.45 -8.54
CA ASP A 965 -16.85 10.07 -9.94
C ASP A 965 -15.57 10.34 -10.73
N GLN A 966 -14.79 11.31 -10.29
CA GLN A 966 -13.53 11.62 -10.95
C GLN A 966 -12.51 10.52 -10.69
N PRO A 967 -11.73 10.09 -11.69
CA PRO A 967 -10.64 9.16 -11.39
C PRO A 967 -9.54 9.83 -10.58
N VAL A 968 -8.88 9.04 -9.75
CA VAL A 968 -7.79 9.49 -8.88
C VAL A 968 -6.75 8.39 -8.84
N LEU A 969 -5.47 8.78 -8.78
CA LEU A 969 -4.37 7.83 -8.59
C LEU A 969 -4.04 7.80 -7.11
N MET A 970 -4.72 6.93 -6.38
CA MET A 970 -4.49 6.76 -4.96
C MET A 970 -3.34 5.79 -4.76
N ASP A 971 -2.33 6.22 -4.02
CA ASP A 971 -1.22 5.35 -3.71
C ASP A 971 -1.67 4.21 -2.80
N TRP A 972 -0.74 3.30 -2.50
CA TRP A 972 -1.10 2.09 -1.78
C TRP A 972 -1.19 2.28 -0.28
N ALA A 973 -1.08 3.51 0.21
CA ALA A 973 -1.12 3.80 1.64
C ALA A 973 -2.40 4.51 2.08
N VAL A 974 -3.17 5.06 1.15
CA VAL A 974 -4.22 6.02 1.47
C VAL A 974 -5.57 5.60 0.92
N GLY A 975 -5.76 4.30 0.74
CA GLY A 975 -7.00 3.81 0.18
C GLY A 975 -8.08 3.58 1.21
N LEU A 976 -7.66 3.28 2.44
CA LEU A 976 -8.62 2.97 3.50
C LEU A 976 -9.16 4.22 4.18
N ALA A 977 -8.52 5.37 3.96
CA ALA A 977 -9.01 6.65 4.48
C ALA A 977 -9.77 7.43 3.43
N PHE A 978 -9.62 7.10 2.15
CA PHE A 978 -10.35 7.73 1.06
C PHE A 978 -11.12 6.65 0.30
N PRO A 979 -12.15 6.07 0.92
CA PRO A 979 -12.87 4.98 0.28
C PRO A 979 -13.81 5.44 -0.83
N CYS A 980 -14.47 6.58 -0.63
CA CYS A 980 -15.49 7.04 -1.55
C CYS A 980 -14.91 7.57 -2.86
N GLN A 981 -13.61 7.71 -2.98
CA GLN A 981 -13.00 8.20 -4.20
C GLN A 981 -12.83 7.07 -5.22
N GLN A 982 -13.00 7.42 -6.49
CA GLN A 982 -12.96 6.43 -7.56
C GLN A 982 -11.54 6.32 -8.08
N PRO A 983 -10.89 5.15 -8.04
CA PRO A 983 -9.56 5.03 -8.60
C PRO A 983 -9.58 5.04 -10.12
N MET A 984 -8.39 5.06 -10.70
CA MET A 984 -8.25 5.05 -12.15
C MET A 984 -8.31 3.61 -12.64
N LEU A 985 -9.50 3.19 -13.08
CA LEU A 985 -9.72 1.82 -13.50
C LEU A 985 -8.90 1.52 -14.75
N HIS A 986 -8.94 0.25 -15.16
CA HIS A 986 -8.31 -0.16 -16.40
C HIS A 986 -9.05 -1.37 -16.95
N ALA A 987 -9.16 -1.41 -18.26
CA ALA A 987 -9.86 -2.50 -18.94
C ALA A 987 -9.28 -2.67 -20.33
N ASN A 988 -8.94 -3.91 -20.67
CA ASN A 988 -8.40 -4.25 -21.99
C ASN A 988 -7.06 -3.58 -22.23
N GLY A 989 -6.22 -3.54 -21.19
CA GLY A 989 -4.89 -2.99 -21.28
C GLY A 989 -4.77 -1.50 -21.09
N VAL A 990 -5.87 -0.76 -21.25
CA VAL A 990 -5.87 0.70 -21.26
C VAL A 990 -6.44 1.19 -19.95
N THR A 991 -5.92 2.31 -19.46
CA THR A 991 -6.37 2.94 -18.23
C THR A 991 -7.17 4.20 -18.53
N GLU A 992 -7.56 4.88 -17.47
CA GLU A 992 -8.23 6.16 -17.54
C GLU A 992 -7.26 7.26 -17.15
N VAL A 993 -7.39 8.41 -17.79
CA VAL A 993 -6.52 9.54 -17.47
C VAL A 993 -6.95 10.10 -16.12
N PRO A 994 -6.10 10.13 -15.11
CA PRO A 994 -6.53 10.69 -13.82
C PRO A 994 -6.50 12.21 -13.82
N LYS A 995 -7.33 12.76 -12.94
CA LYS A 995 -7.43 14.19 -12.72
C LYS A 995 -6.76 14.65 -11.45
N PHE A 996 -6.51 13.75 -10.50
CA PHE A 996 -5.92 14.09 -9.22
C PHE A 996 -4.99 12.96 -8.77
N ARG A 997 -4.22 13.25 -7.73
CA ARG A 997 -3.40 12.25 -7.07
C ARG A 997 -3.35 12.58 -5.59
N ILE A 998 -3.71 11.61 -4.77
CA ILE A 998 -3.60 11.70 -3.32
C ILE A 998 -2.39 10.86 -2.91
N SER A 999 -1.63 11.37 -1.94
CA SER A 999 -0.42 10.69 -1.51
C SER A 999 -0.11 10.94 -0.04
N PRO A 1000 0.73 10.11 0.58
CA PRO A 1000 1.05 10.29 1.99
C PRO A 1000 2.15 11.32 2.24
N ASP A 1001 2.61 11.40 3.49
CA ASP A 1001 3.57 12.41 3.93
C ASP A 1001 4.87 12.37 3.13
N TYR A 1002 5.72 13.37 3.35
CA TYR A 1002 6.87 13.60 2.48
C TYR A 1002 7.82 12.43 2.47
N TYR A 1003 8.20 11.95 3.66
CA TYR A 1003 9.19 10.89 3.73
C TYR A 1003 8.66 9.58 3.19
N ALA A 1004 7.36 9.33 3.39
CA ALA A 1004 6.77 8.10 2.87
C ALA A 1004 6.61 8.17 1.37
N LYS A 1005 6.20 9.31 0.84
CA LYS A 1005 6.11 9.48 -0.60
C LYS A 1005 7.48 9.35 -1.24
N LEU A 1006 8.51 9.88 -0.60
CA LEU A 1006 9.84 9.94 -1.20
C LEU A 1006 10.53 8.59 -1.11
N GLN A 1007 10.24 7.82 -0.06
CA GLN A 1007 10.94 6.56 0.22
C GLN A 1007 10.16 5.31 -0.15
N SER A 1008 8.82 5.37 -0.17
CA SER A 1008 8.00 4.18 -0.32
C SER A 1008 7.20 4.14 -1.60
N THR A 1009 6.42 5.18 -1.90
CA THR A 1009 5.51 5.14 -3.04
C THR A 1009 6.18 5.57 -4.34
N ASP A 1010 7.03 6.60 -4.31
CA ASP A 1010 7.71 7.02 -5.53
C ASP A 1010 8.60 5.92 -6.09
N THR A 1011 9.17 5.09 -5.21
CA THR A 1011 10.04 4.01 -5.65
C THR A 1011 9.27 2.76 -6.03
N TRP A 1012 8.18 2.46 -5.33
CA TRP A 1012 7.43 1.24 -5.58
C TRP A 1012 6.82 1.24 -6.97
N GLN A 1013 6.07 2.28 -7.30
CA GLN A 1013 5.33 2.39 -8.56
C GLN A 1013 6.02 3.34 -9.53
N ASP A 1014 7.35 3.32 -9.55
CA ASP A 1014 8.12 3.95 -10.62
C ASP A 1014 7.94 3.18 -11.91
N GLY A 1015 8.16 3.87 -13.03
CA GLY A 1015 8.01 3.24 -14.33
C GLY A 1015 9.05 2.19 -14.64
N ILE A 1016 10.20 2.26 -13.98
CA ILE A 1016 11.27 1.30 -14.24
C ILE A 1016 10.95 -0.06 -13.64
N ASN A 1017 9.96 -0.14 -12.74
CA ASN A 1017 9.62 -1.35 -12.01
C ASN A 1017 8.23 -1.87 -12.35
N GLY A 1018 7.46 -1.15 -13.17
CA GLY A 1018 6.18 -1.61 -13.63
C GLY A 1018 4.99 -0.83 -13.09
N GLY A 1019 5.20 0.38 -12.61
CA GLY A 1019 4.15 1.12 -11.94
C GLY A 1019 3.40 2.04 -12.88
N LEU A 1020 2.51 2.81 -12.27
CA LEU A 1020 1.61 3.70 -13.00
C LEU A 1020 2.17 5.09 -13.20
N LEU A 1021 3.25 5.45 -12.53
CA LEU A 1021 3.76 6.82 -12.63
C LEU A 1021 4.50 7.07 -13.92
N GLY A 1022 4.88 6.03 -14.66
CA GLY A 1022 5.39 6.24 -16.00
C GLY A 1022 4.35 6.90 -16.89
N ILE A 1023 3.12 6.40 -16.84
CA ILE A 1023 2.04 6.94 -17.64
C ILE A 1023 1.80 8.40 -17.31
N THR A 1024 1.69 8.72 -16.03
CA THR A 1024 1.37 10.08 -15.61
C THR A 1024 2.54 11.02 -15.85
N ASP A 1025 3.77 10.56 -15.65
CA ASP A 1025 4.93 11.40 -15.90
C ASP A 1025 5.12 11.67 -17.37
N LEU A 1026 4.67 10.75 -18.23
CA LEU A 1026 4.87 10.91 -19.67
C LEU A 1026 3.74 11.68 -20.33
N LEU A 1027 2.51 11.53 -19.84
CA LEU A 1027 1.32 12.10 -20.46
C LEU A 1027 0.83 13.38 -19.80
N LEU A 1028 1.11 13.57 -18.52
CA LEU A 1028 0.46 14.57 -17.71
C LEU A 1028 1.49 15.39 -16.95
N ARG A 1029 1.07 16.58 -16.52
CA ARG A 1029 1.91 17.50 -15.78
C ARG A 1029 1.24 17.79 -14.45
N ALA A 1030 1.94 17.53 -13.36
CA ALA A 1030 1.39 17.65 -12.03
C ALA A 1030 1.68 19.02 -11.42
N SER A 1031 0.85 19.38 -10.44
CA SER A 1031 1.06 20.60 -9.67
C SER A 1031 0.42 20.41 -8.30
N VAL A 1032 1.18 20.69 -7.26
CA VAL A 1032 0.73 20.41 -5.90
C VAL A 1032 -0.18 21.52 -5.43
N MET A 1033 -1.14 21.16 -4.59
CA MET A 1033 -2.20 22.02 -4.12
C MET A 1033 -2.01 22.36 -2.65
N SER A 1034 -2.73 23.39 -2.21
CA SER A 1034 -2.68 23.85 -0.83
C SER A 1034 -3.76 23.14 -0.03
N THR A 1035 -3.34 22.26 0.87
CA THR A 1035 -4.23 21.42 1.66
C THR A 1035 -3.95 21.64 3.14
N TYR A 1036 -5.00 21.42 3.94
CA TYR A 1036 -4.95 21.60 5.38
C TYR A 1036 -5.76 20.52 6.07
N LEU A 1037 -5.52 20.34 7.35
CA LEU A 1037 -6.28 19.44 8.20
C LEU A 1037 -7.04 20.25 9.24
N SER A 1038 -8.25 19.78 9.57
CA SER A 1038 -9.29 20.67 10.06
C SER A 1038 -8.93 21.34 11.39
N GLN A 1039 -8.23 20.64 12.28
CA GLN A 1039 -7.83 21.25 13.54
C GLN A 1039 -6.44 20.84 14.03
N ASP A 1040 -5.70 20.04 13.26
CA ASP A 1040 -4.29 19.74 13.54
C ASP A 1040 -3.48 20.45 12.47
N TRP A 1041 -3.16 21.71 12.73
CA TRP A 1041 -2.52 22.56 11.73
C TRP A 1041 -1.03 22.29 11.57
N GLY A 1042 -0.47 21.34 12.32
CA GLY A 1042 0.92 20.96 12.19
C GLY A 1042 1.13 19.53 11.74
N GLN A 1043 0.04 18.86 11.36
CA GLN A 1043 0.12 17.47 10.93
C GLN A 1043 0.25 17.40 9.42
N ASP A 1044 1.06 16.46 8.95
CA ASP A 1044 1.28 16.22 7.53
C ASP A 1044 0.48 14.99 7.15
N TRP A 1045 -0.79 15.21 6.79
CA TRP A 1045 -1.64 14.13 6.33
C TRP A 1045 -1.18 13.57 5.00
N GLY A 1046 -0.56 14.38 4.16
CA GLY A 1046 -0.14 13.95 2.85
C GLY A 1046 -0.10 15.07 1.84
N SER A 1047 -0.53 14.79 0.61
CA SER A 1047 -0.48 15.75 -0.47
C SER A 1047 -1.57 15.44 -1.48
N LEU A 1048 -2.09 16.48 -2.10
CA LEU A 1048 -3.03 16.39 -3.20
C LEU A 1048 -2.46 17.17 -4.38
N ARG A 1049 -2.46 16.53 -5.55
CA ARG A 1049 -1.85 17.08 -6.75
C ARG A 1049 -2.86 17.06 -7.90
N LYS A 1050 -2.91 18.15 -8.64
CA LYS A 1050 -3.76 18.27 -9.82
C LYS A 1050 -2.94 17.98 -11.07
N PHE A 1051 -3.52 17.17 -11.96
CA PHE A 1051 -2.92 16.82 -13.22
C PHE A 1051 -3.53 17.66 -14.33
N ASP A 1052 -2.69 18.18 -15.21
CA ASP A 1052 -3.12 18.92 -16.39
C ASP A 1052 -2.52 18.25 -17.63
N THR A 1053 -3.17 18.48 -18.76
CA THR A 1053 -2.83 17.82 -20.00
C THR A 1053 -1.78 18.63 -20.76
N VAL A 1054 -0.77 17.93 -21.27
CA VAL A 1054 0.24 18.57 -22.11
C VAL A 1054 -0.41 19.09 -23.39
N VAL A 1055 -1.22 18.26 -24.04
CA VAL A 1055 -1.92 18.62 -25.26
C VAL A 1055 -3.37 18.14 -25.15
N GLU A 1056 -4.27 18.83 -25.82
CA GLU A 1056 -5.67 18.46 -25.79
C GLU A 1056 -5.89 17.20 -26.60
N ALA A 1057 -6.56 16.23 -25.99
CA ALA A 1057 -6.77 14.93 -26.60
C ALA A 1057 -8.02 14.30 -26.01
N THR A 1058 -8.45 13.19 -26.62
CA THR A 1058 -9.69 12.50 -26.31
C THR A 1058 -9.42 11.01 -26.25
N PRO A 1059 -10.24 10.24 -25.52
CA PRO A 1059 -10.01 8.79 -25.47
C PRO A 1059 -10.19 8.14 -26.84
N ALA A 1060 -9.75 6.89 -26.91
CA ALA A 1060 -9.70 6.13 -28.15
C ALA A 1060 -10.82 5.10 -28.22
N GLU A 1061 -11.26 4.84 -29.45
CA GLU A 1061 -12.25 3.81 -29.75
C GLU A 1061 -11.51 2.58 -30.23
N LEU A 1062 -11.40 1.58 -29.37
CA LEU A 1062 -10.61 0.40 -29.66
C LEU A 1062 -11.40 -0.57 -30.54
N ASP A 1063 -10.68 -1.52 -31.14
CA ASP A 1063 -11.25 -2.53 -32.02
C ASP A 1063 -11.04 -3.90 -31.39
N PHE A 1064 -12.11 -4.67 -31.28
CA PHE A 1064 -12.15 -5.88 -30.47
C PHE A 1064 -12.30 -7.14 -31.33
N GLY A 1065 -11.83 -8.25 -30.78
CA GLY A 1065 -12.00 -9.56 -31.38
C GLY A 1065 -11.76 -10.63 -30.32
N SER A 1066 -11.72 -11.91 -30.71
CA SER A 1066 -11.54 -12.98 -29.75
C SER A 1066 -10.73 -14.11 -30.38
N GLN A 1067 -9.93 -14.77 -29.55
CA GLN A 1067 -9.10 -15.91 -29.96
C GLN A 1067 -9.08 -16.95 -28.85
N THR A 1068 -9.09 -18.23 -29.25
CA THR A 1068 -9.08 -19.34 -28.32
C THR A 1068 -7.70 -19.95 -28.27
N HIS A 1069 -7.18 -20.17 -27.06
CA HIS A 1069 -5.79 -20.55 -26.85
C HIS A 1069 -5.69 -21.98 -26.33
N SER A 1070 -4.46 -22.45 -26.23
CA SER A 1070 -4.17 -23.85 -25.89
C SER A 1070 -3.95 -24.07 -24.40
N GLY A 1071 -3.79 -23.01 -23.62
CA GLY A 1071 -3.43 -23.10 -22.23
C GLY A 1071 -1.93 -23.01 -21.97
N LEU A 1072 -1.12 -23.38 -22.96
CA LEU A 1072 0.33 -23.24 -22.91
C LEU A 1072 0.85 -22.21 -23.92
N TYR A 1073 -0.02 -21.32 -24.37
CA TYR A 1073 0.34 -20.39 -25.44
C TYR A 1073 0.88 -19.10 -24.85
N SER A 1074 1.96 -18.60 -25.45
CA SER A 1074 2.54 -17.31 -25.10
C SER A 1074 3.00 -16.64 -26.38
N PRO A 1075 2.55 -15.39 -26.70
CA PRO A 1075 3.06 -14.70 -27.90
C PRO A 1075 4.39 -13.99 -27.65
N GLY A 1076 5.34 -14.71 -27.11
CA GLY A 1076 6.61 -14.14 -26.72
C GLY A 1076 6.50 -13.45 -25.38
N PRO A 1077 7.62 -12.99 -24.84
CA PRO A 1077 7.62 -12.35 -23.54
C PRO A 1077 7.31 -10.85 -23.63
N LEU A 1078 6.99 -10.29 -22.46
CA LEU A 1078 6.76 -8.86 -22.35
C LEU A 1078 8.06 -8.10 -22.33
N ARG A 1079 7.95 -6.78 -22.42
CA ARG A 1079 9.08 -5.87 -22.23
C ARG A 1079 9.06 -5.38 -20.80
N ILE A 1080 10.14 -5.65 -20.07
CA ILE A 1080 10.27 -5.23 -18.68
C ILE A 1080 11.59 -4.52 -18.41
N ARG A 1081 12.57 -4.70 -19.30
CA ARG A 1081 13.94 -4.35 -19.01
C ARG A 1081 14.70 -4.21 -20.32
N PRO A 1082 15.70 -3.31 -20.42
CA PRO A 1082 16.54 -3.31 -21.62
C PRO A 1082 17.73 -4.25 -21.53
#